data_7QBZ
#
_entry.id   7QBZ
#
_cell.length_a   89.642
_cell.length_b   93.665
_cell.length_c   128.258
_cell.angle_alpha   90.000
_cell.angle_beta   90.000
_cell.angle_gamma   90.000
#
_symmetry.space_group_name_H-M   'P 21 21 2'
#
loop_
_entity.id
_entity.type
_entity.pdbx_description
1 polymer 'Cadmium translocating P-type ATPase'
2 non-polymer 'TETRAFLUOROALUMINATE ION'
3 non-polymer 'MAGNESIUM ION'
#
_entity_poly.entity_id   1
_entity_poly.type   'polypeptide(L)'
_entity_poly.pdbx_seq_one_letter_code
;MRKVVADLNAVEEENMPENHTPDDGHNHAHGGFLNRILGGRAEVIFAVLCGICLLLGWLGPKYGIMSEQFGFGLLLAAYF
FGGYFTLREAVEKISKGQFQIDFLMLVAASGAAILGEWAEGAFLLFLFSVGHALENYAMGRARNAVAALAGLTPDEALVR
RGDKTETVLIENLLVGDIVVVRSNERLPADGFVVKGSSAVNQAPITGESAPVDKLPVDDPEFAAANLDKLTPQTRVFAGS
INGSGSLDVQVTKLSGESTLARVVTLVAEAQTRQSPTQNFTKKFEKIFVPCVIALAFVTSFSFLILDETAAQSFYRAMAV
LVAASPCALAIATPSAVLSGVARAARGGVLIKGGAPLEAMGHLDAIAFDKTGTLTIGEPHLVEITPYGDATETELLQVSA
AVEMLSDHPLAQAVVRDVKDRLGDLPSEASDFANIIGQGVSAKVDSKVVHIGKTALFESVAGLPLPDDLRGTVEAMSQNG
RTTMIVRSGDRYLGAIGLMDTPREDARSVIAALRDLGLKRMMMISGDNQNVANAVAKEVGLDTAFGDLMPEDKVTKIAAL
KADGGVAMVGDGVNDAPAMANATVGIAMGAAGSDVALETADIALMADDLQTLPFAVGLSRKTSRIIRLNLWFSLGVVALL
IPATLFGLGIGPAVLVHEGSTLVVVANALRLLAFKDNRVKSA
;
_entity_poly.pdbx_strand_id   A
#
# COMPACT_ATOMS: atom_id res chain seq x y z
N ARG A 41 2.68 -21.66 20.08
CA ARG A 41 3.93 -21.25 20.70
C ARG A 41 4.21 -19.76 20.44
N ALA A 42 3.99 -18.93 21.45
CA ALA A 42 4.32 -17.51 21.39
C ALA A 42 5.00 -17.09 22.68
N GLU A 43 5.97 -16.17 22.57
CA GLU A 43 6.84 -15.83 23.68
C GLU A 43 6.32 -14.71 24.56
N VAL A 44 5.14 -14.14 24.27
CA VAL A 44 4.66 -13.01 25.05
C VAL A 44 4.27 -13.44 26.46
N ILE A 45 4.00 -14.73 26.66
CA ILE A 45 3.54 -15.24 27.94
C ILE A 45 4.63 -15.20 29.00
N PHE A 46 5.91 -15.10 28.60
CA PHE A 46 6.97 -14.98 29.58
C PHE A 46 6.95 -13.61 30.27
N ALA A 47 6.64 -12.56 29.52
CA ALA A 47 6.46 -11.25 30.14
C ALA A 47 5.23 -11.22 31.04
N VAL A 48 4.15 -11.92 30.63
CA VAL A 48 2.95 -11.97 31.45
C VAL A 48 3.21 -12.74 32.74
N LEU A 49 3.97 -13.84 32.65
CA LEU A 49 4.35 -14.56 33.85
C LEU A 49 5.27 -13.74 34.74
N CYS A 50 6.16 -12.93 34.16
CA CYS A 50 6.97 -12.05 35.00
C CYS A 50 6.13 -10.96 35.64
N GLY A 51 5.07 -10.49 34.98
CA GLY A 51 4.17 -9.55 35.62
C GLY A 51 3.41 -10.18 36.77
N ILE A 52 2.82 -11.36 36.54
CA ILE A 52 2.12 -12.10 37.58
C ILE A 52 3.07 -12.40 38.73
N CYS A 53 4.29 -12.82 38.43
CA CYS A 53 5.23 -13.22 39.47
C CYS A 53 5.78 -12.02 40.23
N LEU A 54 6.10 -10.92 39.55
CA LEU A 54 6.50 -9.71 40.25
C LEU A 54 5.40 -9.23 41.18
N LEU A 55 4.17 -9.12 40.68
CA LEU A 55 3.12 -8.55 41.49
C LEU A 55 2.71 -9.48 42.63
N LEU A 56 2.41 -10.75 42.31
CA LEU A 56 1.95 -11.67 43.34
C LEU A 56 3.07 -12.09 44.29
N GLY A 57 4.33 -12.08 43.86
CA GLY A 57 5.45 -12.33 44.74
C GLY A 57 5.98 -11.13 45.48
N TRP A 58 5.54 -9.92 45.10
CA TRP A 58 5.69 -8.77 45.96
C TRP A 58 4.56 -8.69 46.97
N LEU A 59 3.41 -9.30 46.63
CA LEU A 59 2.22 -9.26 47.48
C LEU A 59 2.25 -10.35 48.55
N GLY A 60 2.72 -11.55 48.20
CA GLY A 60 2.68 -12.67 49.12
C GLY A 60 3.52 -12.51 50.38
N PRO A 61 4.80 -12.15 50.24
CA PRO A 61 5.59 -11.85 51.44
C PRO A 61 5.19 -10.55 52.15
N LYS A 62 4.94 -9.48 51.41
CA LYS A 62 4.66 -8.18 52.00
C LYS A 62 3.20 -7.82 51.77
N TYR A 63 2.50 -7.50 52.86
CA TYR A 63 1.05 -7.25 52.82
C TYR A 63 0.33 -8.49 52.32
N GLY A 64 0.84 -9.65 52.70
CA GLY A 64 0.25 -10.89 52.25
C GLY A 64 0.56 -12.02 53.20
N ILE A 65 -0.26 -13.07 53.07
CA ILE A 65 -0.14 -14.30 53.84
C ILE A 65 0.24 -15.46 52.92
N MET A 66 1.53 -15.57 52.63
CA MET A 66 2.05 -16.58 51.73
C MET A 66 3.45 -16.93 52.19
N SER A 67 3.86 -18.17 52.01
CA SER A 67 5.16 -18.54 52.53
C SER A 67 6.27 -18.02 51.62
N GLU A 68 7.50 -18.12 52.10
CA GLU A 68 8.64 -17.62 51.32
C GLU A 68 9.10 -18.57 50.21
N GLN A 69 8.68 -19.84 50.23
CA GLN A 69 8.96 -20.69 49.07
C GLN A 69 7.88 -20.59 48.00
N PHE A 70 6.65 -20.25 48.37
CA PHE A 70 5.59 -20.02 47.40
C PHE A 70 5.42 -18.53 47.07
N GLY A 71 5.32 -17.69 48.10
CA GLY A 71 5.13 -16.26 47.84
C GLY A 71 6.34 -15.60 47.21
N PHE A 72 7.53 -15.86 47.74
CA PHE A 72 8.74 -15.31 47.14
C PHE A 72 9.23 -16.11 45.94
N GLY A 73 8.91 -17.40 45.86
CA GLY A 73 9.33 -18.19 44.71
C GLY A 73 8.76 -17.69 43.39
N LEU A 74 7.63 -16.97 43.46
CA LEU A 74 7.14 -16.26 42.29
C LEU A 74 8.16 -15.24 41.80
N LEU A 75 8.75 -14.46 42.71
CA LEU A 75 9.82 -13.55 42.29
C LEU A 75 11.03 -14.29 41.75
N LEU A 76 11.24 -15.53 42.19
CA LEU A 76 12.26 -16.38 41.55
C LEU A 76 11.88 -16.69 40.10
N ALA A 77 10.61 -16.95 39.84
CA ALA A 77 10.17 -17.17 38.47
C ALA A 77 10.21 -15.89 37.65
N ALA A 78 10.03 -14.73 38.28
CA ALA A 78 10.06 -13.46 37.58
C ALA A 78 11.44 -13.11 37.03
N TYR A 79 12.49 -13.68 37.62
CA TYR A 79 13.81 -13.56 37.02
C TYR A 79 14.02 -14.58 35.90
N PHE A 80 13.40 -15.75 36.02
CA PHE A 80 13.66 -16.83 35.08
C PHE A 80 12.99 -16.56 33.73
N PHE A 81 11.72 -16.16 33.76
CA PHE A 81 10.95 -16.08 32.52
C PHE A 81 11.41 -14.90 31.65
N GLY A 82 11.43 -13.70 32.21
CA GLY A 82 11.81 -12.54 31.42
C GLY A 82 13.28 -12.48 31.11
N GLY A 83 14.12 -13.05 31.99
CA GLY A 83 15.55 -12.99 31.80
C GLY A 83 16.08 -13.97 30.78
N TYR A 84 15.40 -15.11 30.61
CA TYR A 84 15.99 -16.18 29.81
C TYR A 84 15.88 -15.91 28.31
N PHE A 85 14.87 -15.16 27.87
CA PHE A 85 14.77 -14.86 26.45
C PHE A 85 15.72 -13.75 26.03
N THR A 86 15.80 -12.68 26.81
CA THR A 86 16.77 -11.62 26.51
C THR A 86 18.20 -12.16 26.59
N LEU A 87 18.42 -13.18 27.41
CA LEU A 87 19.74 -13.80 27.53
C LEU A 87 20.17 -14.49 26.23
N ARG A 88 19.26 -15.23 25.59
CA ARG A 88 19.67 -16.00 24.41
C ARG A 88 19.91 -15.06 23.22
N GLU A 89 19.10 -14.01 23.09
CA GLU A 89 19.37 -12.97 22.10
C GLU A 89 20.70 -12.26 22.38
N ALA A 90 20.99 -12.03 23.66
CA ALA A 90 22.28 -11.45 24.03
C ALA A 90 23.43 -12.34 23.57
N VAL A 91 23.31 -13.64 23.79
CA VAL A 91 24.34 -14.58 23.35
C VAL A 91 24.47 -14.55 21.82
N GLU A 92 23.33 -14.53 21.12
CA GLU A 92 23.33 -14.53 19.67
C GLU A 92 24.09 -13.32 19.11
N LYS A 93 23.85 -12.14 19.67
CA LYS A 93 24.58 -10.99 19.11
C LYS A 93 26.00 -10.86 19.66
N ILE A 94 26.28 -11.33 20.87
CA ILE A 94 27.65 -11.30 21.37
C ILE A 94 28.55 -12.35 20.73
N SER A 95 27.99 -13.29 19.98
CA SER A 95 28.84 -14.19 19.21
C SER A 95 29.69 -13.43 18.18
N LYS A 96 29.09 -12.50 17.45
CA LYS A 96 29.78 -11.71 16.45
C LYS A 96 29.72 -10.21 16.71
N GLY A 97 28.55 -9.64 16.91
CA GLY A 97 28.42 -8.22 17.12
C GLY A 97 29.05 -7.76 18.42
N GLN A 98 29.22 -6.44 18.54
CA GLN A 98 29.96 -5.89 19.68
C GLN A 98 29.14 -5.85 20.97
N PHE A 99 28.06 -5.06 21.01
CA PHE A 99 27.33 -4.87 22.25
C PHE A 99 25.83 -4.81 22.00
N GLN A 100 25.08 -5.13 23.07
CA GLN A 100 23.62 -5.11 23.07
C GLN A 100 23.14 -4.47 24.38
N ILE A 101 22.07 -3.68 24.32
CA ILE A 101 21.48 -3.11 25.53
C ILE A 101 20.91 -4.18 26.46
N ASP A 102 20.60 -5.37 25.93
CA ASP A 102 20.05 -6.40 26.78
C ASP A 102 21.07 -6.82 27.83
N PHE A 103 22.36 -6.67 27.51
CA PHE A 103 23.41 -6.83 28.52
C PHE A 103 23.11 -5.93 29.71
N LEU A 104 22.85 -4.65 29.44
CA LEU A 104 22.64 -3.66 30.49
C LEU A 104 21.37 -3.97 31.29
N MET A 105 20.26 -4.26 30.61
CA MET A 105 19.03 -4.58 31.33
C MET A 105 19.15 -5.87 32.14
N LEU A 106 19.78 -6.89 31.57
CA LEU A 106 19.84 -8.18 32.23
C LEU A 106 20.79 -8.14 33.42
N VAL A 107 21.96 -7.51 33.27
CA VAL A 107 22.85 -7.38 34.40
C VAL A 107 22.29 -6.40 35.42
N ALA A 108 21.43 -5.47 35.00
CA ALA A 108 20.74 -4.61 35.96
C ALA A 108 19.75 -5.40 36.80
N ALA A 109 19.14 -6.44 36.20
CA ALA A 109 18.34 -7.35 37.00
C ALA A 109 19.22 -8.23 37.88
N SER A 110 20.35 -8.69 37.34
CA SER A 110 21.15 -9.70 38.01
C SER A 110 21.89 -9.14 39.22
N GLY A 111 22.43 -7.92 39.10
CA GLY A 111 23.11 -7.32 40.24
C GLY A 111 22.17 -7.02 41.39
N ALA A 112 20.94 -6.59 41.06
CA ALA A 112 19.93 -6.42 42.10
C ALA A 112 19.52 -7.75 42.71
N ALA A 113 19.53 -8.83 41.91
CA ALA A 113 19.23 -10.15 42.46
C ALA A 113 20.32 -10.63 43.41
N ILE A 114 21.58 -10.52 43.00
CA ILE A 114 22.68 -10.97 43.87
C ILE A 114 22.93 -10.01 45.02
N LEU A 115 22.39 -8.80 44.95
CA LEU A 115 22.52 -7.81 46.00
C LEU A 115 21.12 -7.61 46.60
N GLY A 116 20.88 -6.44 47.20
CA GLY A 116 19.57 -6.15 47.72
C GLY A 116 18.61 -5.59 46.69
N GLU A 117 17.37 -5.42 47.14
CA GLU A 117 16.27 -4.89 46.32
C GLU A 117 16.05 -5.73 45.05
N TRP A 118 15.70 -7.00 45.25
CA TRP A 118 15.45 -7.87 44.12
C TRP A 118 14.18 -7.50 43.36
N ALA A 119 13.29 -6.73 44.00
CA ALA A 119 12.16 -6.15 43.28
C ALA A 119 12.63 -5.25 42.15
N GLU A 120 13.79 -4.61 42.31
CA GLU A 120 14.36 -3.80 41.23
C GLU A 120 14.70 -4.66 40.02
N GLY A 121 15.38 -5.78 40.24
CA GLY A 121 15.70 -6.66 39.14
C GLY A 121 14.47 -7.26 38.49
N ALA A 122 13.53 -7.73 39.30
CA ALA A 122 12.30 -8.31 38.74
C ALA A 122 11.51 -7.27 37.96
N PHE A 123 11.42 -6.04 38.49
CA PHE A 123 10.71 -4.96 37.80
C PHE A 123 11.38 -4.61 36.48
N LEU A 124 12.70 -4.40 36.49
CA LEU A 124 13.37 -4.05 35.25
C LEU A 124 13.24 -5.16 34.22
N LEU A 125 13.30 -6.41 34.67
CA LEU A 125 13.20 -7.53 33.75
C LEU A 125 11.79 -7.62 33.16
N PHE A 126 10.77 -7.42 34.01
CA PHE A 126 9.40 -7.44 33.54
C PHE A 126 9.10 -6.31 32.56
N LEU A 127 9.45 -5.07 32.90
CA LEU A 127 9.11 -3.98 32.00
C LEU A 127 9.93 -4.01 30.72
N PHE A 128 11.17 -4.55 30.78
CA PHE A 128 11.93 -4.63 29.55
C PHE A 128 11.47 -5.78 28.66
N SER A 129 11.04 -6.89 29.25
CA SER A 129 10.39 -7.94 28.47
C SER A 129 9.11 -7.43 27.82
N VAL A 130 8.35 -6.60 28.54
CA VAL A 130 7.12 -6.06 27.97
C VAL A 130 7.40 -5.06 26.86
N GLY A 131 8.43 -4.21 27.02
CA GLY A 131 8.78 -3.31 25.94
C GLY A 131 9.34 -4.02 24.72
N HIS A 132 9.94 -5.19 24.95
CA HIS A 132 10.39 -6.02 23.83
C HIS A 132 9.21 -6.65 23.11
N ALA A 133 8.21 -7.12 23.88
CA ALA A 133 7.02 -7.67 23.26
C ALA A 133 6.24 -6.61 22.50
N LEU A 134 6.23 -5.38 23.01
CA LEU A 134 5.55 -4.30 22.28
C LEU A 134 6.29 -3.94 20.99
N GLU A 135 7.63 -3.97 21.01
CA GLU A 135 8.34 -3.79 19.75
C GLU A 135 8.06 -4.94 18.78
N ASN A 136 7.89 -6.16 19.30
CA ASN A 136 7.55 -7.28 18.42
C ASN A 136 6.15 -7.12 17.81
N TYR A 137 5.18 -6.63 18.58
CA TYR A 137 3.89 -6.32 17.95
C TYR A 137 3.95 -5.13 17.01
N ALA A 138 4.92 -4.23 17.17
CA ALA A 138 5.08 -3.15 16.20
C ALA A 138 5.96 -3.56 15.02
N MET A 139 6.49 -4.78 15.03
CA MET A 139 7.46 -5.25 14.06
C MET A 139 6.86 -6.20 13.03
N GLY A 140 5.53 -6.32 12.95
CA GLY A 140 4.89 -7.30 12.10
C GLY A 140 4.67 -6.89 10.64
N ARG A 141 5.50 -7.44 9.75
CA ARG A 141 5.50 -7.10 8.33
C ARG A 141 5.47 -8.35 7.46
N ALA A 142 4.29 -8.71 6.95
CA ALA A 142 4.20 -9.88 6.09
C ALA A 142 5.05 -9.66 4.85
N ARG A 143 4.87 -8.49 4.21
CA ARG A 143 5.70 -8.03 3.09
C ARG A 143 5.84 -9.08 1.98
N ASN A 144 4.81 -9.88 1.76
CA ASN A 144 4.85 -10.85 0.68
C ASN A 144 3.67 -10.66 -0.26
N ALA A 145 3.99 -10.49 -1.55
CA ALA A 145 3.02 -10.38 -2.61
C ALA A 145 3.41 -11.27 -3.78
N VAL A 146 4.59 -11.90 -3.71
CA VAL A 146 5.09 -12.78 -4.75
C VAL A 146 4.09 -13.90 -5.03
N ALA A 147 3.33 -14.31 -4.01
CA ALA A 147 2.40 -15.42 -4.18
C ALA A 147 1.26 -15.02 -5.11
N ALA A 148 0.77 -13.79 -4.98
CA ALA A 148 -0.29 -13.32 -5.86
C ALA A 148 0.26 -12.93 -7.22
N LEU A 149 1.46 -12.34 -7.25
CA LEU A 149 2.06 -11.90 -8.51
C LEU A 149 2.44 -13.07 -9.40
N ALA A 150 2.81 -14.21 -8.81
CA ALA A 150 3.14 -15.38 -9.62
C ALA A 150 1.92 -15.94 -10.33
N GLY A 151 0.72 -15.70 -9.80
CA GLY A 151 -0.46 -16.23 -10.47
C GLY A 151 -0.89 -15.48 -11.71
N LEU A 152 -0.35 -14.27 -11.94
CA LEU A 152 -0.80 -13.48 -13.07
C LEU A 152 -0.35 -14.05 -14.41
N THR A 153 0.72 -14.84 -14.43
CA THR A 153 1.28 -15.34 -15.68
C THR A 153 1.33 -16.86 -15.67
N PRO A 154 1.11 -17.50 -16.81
CA PRO A 154 1.16 -18.96 -16.88
C PRO A 154 2.58 -19.50 -16.85
N ASP A 155 2.68 -20.81 -16.56
CA ASP A 155 3.96 -21.48 -16.53
C ASP A 155 4.40 -21.94 -17.91
N GLU A 156 3.46 -22.28 -18.79
CA GLU A 156 3.77 -22.86 -20.08
C GLU A 156 3.08 -22.07 -21.19
N ALA A 157 3.39 -22.43 -22.43
CA ALA A 157 2.85 -21.75 -23.60
C ALA A 157 2.88 -22.70 -24.78
N LEU A 158 1.92 -22.53 -25.68
CA LEU A 158 1.92 -23.24 -26.96
C LEU A 158 2.70 -22.39 -27.96
N VAL A 159 3.67 -23.02 -28.63
CA VAL A 159 4.53 -22.33 -29.57
C VAL A 159 4.54 -23.07 -30.90
N ARG A 160 4.46 -22.33 -32.00
CA ARG A 160 4.31 -22.93 -33.31
C ARG A 160 5.69 -23.36 -33.82
N ARG A 161 5.73 -24.54 -34.46
CA ARG A 161 6.94 -25.09 -35.06
C ARG A 161 6.51 -25.74 -36.37
N GLY A 162 6.40 -24.93 -37.43
CA GLY A 162 5.99 -25.44 -38.72
C GLY A 162 4.60 -26.04 -38.74
N ASP A 163 4.52 -27.36 -38.91
CA ASP A 163 3.24 -28.06 -38.90
C ASP A 163 2.87 -28.60 -37.52
N LYS A 164 3.56 -28.16 -36.47
CA LYS A 164 3.29 -28.65 -35.12
C LYS A 164 3.12 -27.48 -34.17
N THR A 165 2.52 -27.76 -33.00
CA THR A 165 2.37 -26.78 -31.94
C THR A 165 2.86 -27.43 -30.65
N GLU A 166 4.05 -27.05 -30.21
CA GLU A 166 4.67 -27.66 -29.04
C GLU A 166 4.29 -26.89 -27.78
N THR A 167 4.59 -27.48 -26.63
CA THR A 167 4.37 -26.84 -25.35
C THR A 167 5.70 -26.62 -24.66
N VAL A 168 6.06 -25.36 -24.43
CA VAL A 168 7.33 -25.03 -23.78
C VAL A 168 7.07 -24.17 -22.56
N LEU A 169 8.05 -24.17 -21.64
CA LEU A 169 8.02 -23.23 -20.54
C LEU A 169 8.35 -21.82 -21.05
N ILE A 170 7.88 -20.81 -20.31
CA ILE A 170 8.03 -19.43 -20.80
C ILE A 170 9.48 -18.98 -20.71
N GLU A 171 10.27 -19.56 -19.80
CA GLU A 171 11.68 -19.23 -19.77
C GLU A 171 12.44 -19.81 -20.95
N ASN A 172 11.80 -20.69 -21.72
CA ASN A 172 12.39 -21.24 -22.94
C ASN A 172 11.79 -20.61 -24.20
N LEU A 173 10.98 -19.58 -24.07
CA LEU A 173 10.53 -18.85 -25.24
C LEU A 173 11.66 -18.02 -25.81
N LEU A 174 11.84 -18.08 -27.12
CA LEU A 174 12.81 -17.27 -27.83
C LEU A 174 12.10 -16.09 -28.47
N VAL A 175 12.81 -14.98 -28.62
CA VAL A 175 12.25 -13.86 -29.37
C VAL A 175 12.10 -14.30 -30.82
N GLY A 176 10.98 -13.93 -31.43
CA GLY A 176 10.67 -14.35 -32.78
C GLY A 176 9.77 -15.56 -32.85
N ASP A 177 9.54 -16.25 -31.73
CA ASP A 177 8.59 -17.33 -31.66
C ASP A 177 7.16 -16.81 -31.79
N ILE A 178 6.28 -17.68 -32.28
CA ILE A 178 4.85 -17.39 -32.38
C ILE A 178 4.15 -18.25 -31.34
N VAL A 179 3.70 -17.64 -30.26
CA VAL A 179 2.91 -18.38 -29.27
C VAL A 179 1.45 -18.33 -29.67
N VAL A 180 0.71 -19.37 -29.30
CA VAL A 180 -0.72 -19.46 -29.53
C VAL A 180 -1.43 -19.26 -28.19
N VAL A 181 -2.09 -18.11 -28.04
CA VAL A 181 -2.87 -17.80 -26.85
C VAL A 181 -4.32 -18.01 -27.24
N ARG A 182 -4.95 -19.05 -26.71
CA ARG A 182 -6.35 -19.30 -27.02
C ARG A 182 -7.26 -18.65 -25.97
N SER A 183 -8.53 -19.04 -25.98
CA SER A 183 -9.59 -18.20 -25.43
C SER A 183 -9.51 -18.08 -23.90
N ASN A 184 -9.58 -16.84 -23.42
CA ASN A 184 -9.65 -16.52 -21.99
C ASN A 184 -8.43 -17.00 -21.22
N GLU A 185 -7.34 -17.27 -21.94
CA GLU A 185 -6.08 -17.64 -21.33
C GLU A 185 -5.27 -16.40 -20.96
N ARG A 186 -4.39 -16.57 -19.99
CA ARG A 186 -3.43 -15.51 -19.67
C ARG A 186 -2.36 -15.45 -20.75
N LEU A 187 -2.02 -14.25 -21.18
CA LEU A 187 -0.99 -14.10 -22.20
C LEU A 187 0.37 -14.42 -21.57
N PRO A 188 1.21 -15.21 -22.23
CA PRO A 188 2.45 -15.65 -21.59
C PRO A 188 3.65 -14.77 -21.89
N ALA A 189 3.59 -13.92 -22.91
CA ALA A 189 4.75 -13.12 -23.27
C ALA A 189 4.31 -11.78 -23.86
N ASP A 190 5.22 -10.80 -23.77
CA ASP A 190 5.05 -9.56 -24.51
C ASP A 190 5.31 -9.80 -25.99
N GLY A 191 4.61 -9.04 -26.83
CA GLY A 191 4.89 -9.10 -28.25
C GLY A 191 3.85 -8.33 -29.04
N PHE A 192 3.58 -8.82 -30.25
CA PHE A 192 2.61 -8.20 -31.13
C PHE A 192 1.82 -9.28 -31.84
N VAL A 193 0.61 -8.94 -32.25
CA VAL A 193 -0.32 -9.90 -32.81
C VAL A 193 0.05 -10.16 -34.26
N VAL A 194 0.07 -11.44 -34.64
CA VAL A 194 0.24 -11.80 -36.03
C VAL A 194 -0.93 -12.59 -36.57
N LYS A 195 -1.77 -13.19 -35.72
CA LYS A 195 -2.96 -13.82 -36.30
C LYS A 195 -4.11 -13.78 -35.31
N GLY A 196 -5.30 -13.52 -35.82
CA GLY A 196 -6.48 -13.48 -34.98
C GLY A 196 -6.76 -12.09 -34.45
N SER A 197 -8.00 -11.89 -34.01
CA SER A 197 -8.41 -10.63 -33.40
C SER A 197 -9.22 -10.95 -32.15
N SER A 198 -9.00 -10.18 -31.10
CA SER A 198 -9.63 -10.51 -29.82
C SER A 198 -9.64 -9.28 -28.92
N ALA A 199 -10.54 -9.29 -27.94
CA ALA A 199 -10.60 -8.20 -26.97
C ALA A 199 -9.87 -8.63 -25.70
N VAL A 200 -8.77 -7.94 -25.39
CA VAL A 200 -7.84 -8.34 -24.35
C VAL A 200 -7.92 -7.36 -23.19
N ASN A 201 -8.00 -7.90 -21.97
CA ASN A 201 -8.01 -7.11 -20.75
C ASN A 201 -6.57 -6.93 -20.26
N GLN A 202 -6.09 -5.69 -20.24
CA GLN A 202 -4.72 -5.39 -19.84
C GLN A 202 -4.69 -4.74 -18.46
N ALA A 203 -5.57 -5.20 -17.57
CA ALA A 203 -5.67 -4.61 -16.22
C ALA A 203 -4.38 -4.68 -15.42
N PRO A 204 -3.66 -5.83 -15.34
CA PRO A 204 -2.44 -5.86 -14.51
C PRO A 204 -1.36 -4.91 -14.96
N ILE A 205 -1.59 -4.16 -16.04
CA ILE A 205 -0.52 -3.35 -16.62
C ILE A 205 -0.99 -1.92 -16.90
N THR A 206 -2.17 -1.78 -17.48
CA THR A 206 -2.73 -0.46 -17.68
C THR A 206 -3.61 0.00 -16.53
N GLY A 207 -4.00 -0.92 -15.64
CA GLY A 207 -4.98 -0.60 -14.62
C GLY A 207 -6.39 -0.48 -15.13
N GLU A 208 -6.60 -0.63 -16.43
CA GLU A 208 -7.92 -0.50 -17.04
C GLU A 208 -8.42 -1.90 -17.36
N SER A 209 -9.50 -2.30 -16.71
CA SER A 209 -10.10 -3.58 -17.06
C SER A 209 -10.98 -3.48 -18.30
N ALA A 210 -11.05 -2.31 -18.91
CA ALA A 210 -11.83 -2.12 -20.13
C ALA A 210 -11.15 -2.85 -21.28
N PRO A 211 -11.80 -3.82 -21.91
CA PRO A 211 -11.10 -4.64 -22.91
C PRO A 211 -10.75 -3.84 -24.15
N VAL A 212 -9.56 -4.12 -24.70
CA VAL A 212 -9.02 -3.44 -25.87
C VAL A 212 -9.03 -4.41 -27.04
N ASP A 213 -9.59 -3.97 -28.18
CA ASP A 213 -9.57 -4.81 -29.37
C ASP A 213 -8.16 -4.89 -29.96
N LYS A 214 -7.78 -6.10 -30.38
CA LYS A 214 -6.47 -6.42 -30.92
C LYS A 214 -6.65 -7.08 -32.28
N LEU A 215 -5.83 -6.64 -33.23
CA LEU A 215 -5.81 -7.07 -34.62
C LEU A 215 -4.40 -7.48 -34.99
N PRO A 216 -4.24 -8.29 -36.02
CA PRO A 216 -2.89 -8.66 -36.46
C PRO A 216 -2.23 -7.53 -37.25
N VAL A 217 -0.90 -7.58 -37.27
CA VAL A 217 -0.11 -6.62 -38.03
C VAL A 217 -0.38 -6.78 -39.52
N ASP A 218 -0.01 -5.75 -40.28
CA ASP A 218 -0.06 -5.84 -41.74
C ASP A 218 1.17 -6.57 -42.26
N ASP A 219 2.32 -6.39 -41.63
CA ASP A 219 3.56 -7.00 -42.06
C ASP A 219 4.42 -7.28 -40.83
N PRO A 220 4.58 -8.56 -40.44
CA PRO A 220 5.30 -8.89 -39.20
C PRO A 220 6.81 -8.76 -39.30
N GLU A 221 7.38 -8.98 -40.49
CA GLU A 221 8.80 -8.72 -40.66
C GLU A 221 9.10 -7.25 -40.41
N PHE A 222 8.24 -6.37 -40.92
CA PHE A 222 8.36 -4.94 -40.66
C PHE A 222 8.11 -4.62 -39.19
N ALA A 223 7.13 -5.29 -38.58
CA ALA A 223 6.74 -4.96 -37.22
C ALA A 223 7.77 -5.38 -36.19
N ALA A 224 8.51 -6.46 -36.45
CA ALA A 224 9.52 -6.88 -35.49
C ALA A 224 10.70 -5.92 -35.47
N ALA A 225 10.99 -5.25 -36.59
CA ALA A 225 12.11 -4.32 -36.63
C ALA A 225 11.71 -2.94 -36.10
N ASN A 226 10.45 -2.57 -36.21
CA ASN A 226 9.97 -1.24 -35.86
C ASN A 226 8.99 -1.36 -34.69
N LEU A 227 9.52 -1.69 -33.52
CA LEU A 227 8.68 -1.84 -32.35
C LEU A 227 8.13 -0.51 -31.86
N ASP A 228 8.74 0.60 -32.27
CA ASP A 228 8.23 1.92 -31.92
C ASP A 228 6.95 2.27 -32.68
N LYS A 229 6.67 1.56 -33.78
CA LYS A 229 5.50 1.82 -34.61
C LYS A 229 4.32 0.89 -34.28
N LEU A 230 4.43 0.12 -33.20
CA LEU A 230 3.34 -0.77 -32.80
C LEU A 230 2.17 0.07 -32.29
N THR A 231 1.06 0.05 -33.01
CA THR A 231 -0.16 0.66 -32.55
C THR A 231 -0.73 -0.12 -31.37
N PRO A 232 -1.56 0.53 -30.52
CA PRO A 232 -2.13 -0.19 -29.37
C PRO A 232 -3.17 -1.23 -29.72
N GLN A 233 -3.55 -1.37 -30.99
CA GLN A 233 -4.32 -2.55 -31.42
C GLN A 233 -3.45 -3.76 -31.65
N THR A 234 -2.16 -3.66 -31.38
CA THR A 234 -1.19 -4.69 -31.75
C THR A 234 -0.25 -5.07 -30.62
N ARG A 235 0.28 -4.08 -29.90
CA ARG A 235 1.12 -4.37 -28.74
C ARG A 235 0.31 -5.20 -27.74
N VAL A 236 0.85 -6.35 -27.35
CA VAL A 236 0.24 -7.17 -26.32
C VAL A 236 1.26 -7.39 -25.22
N PHE A 237 0.74 -7.67 -24.01
CA PHE A 237 1.58 -7.81 -22.85
C PHE A 237 1.32 -9.12 -22.12
N ALA A 238 2.38 -9.66 -21.51
CA ALA A 238 2.24 -10.83 -20.66
C ALA A 238 1.44 -10.45 -19.42
N GLY A 239 0.59 -11.36 -18.97
CA GLY A 239 -0.29 -11.09 -17.86
C GLY A 239 -1.65 -10.58 -18.25
N SER A 240 -1.82 -10.11 -19.48
CA SER A 240 -3.14 -9.76 -19.98
C SER A 240 -3.98 -11.03 -20.06
N ILE A 241 -5.30 -10.86 -20.07
CA ILE A 241 -6.21 -11.98 -20.20
C ILE A 241 -6.87 -11.89 -21.57
N ASN A 242 -6.74 -12.95 -22.35
CA ASN A 242 -7.30 -12.97 -23.69
C ASN A 242 -8.84 -13.02 -23.61
N GLY A 243 -9.47 -12.69 -24.73
CA GLY A 243 -10.92 -12.72 -24.84
C GLY A 243 -11.43 -13.97 -25.50
N SER A 244 -12.38 -13.80 -26.43
CA SER A 244 -13.07 -14.93 -27.03
C SER A 244 -12.25 -15.61 -28.12
N GLY A 245 -11.39 -14.86 -28.81
CA GLY A 245 -10.67 -15.37 -29.96
C GLY A 245 -9.23 -15.74 -29.64
N SER A 246 -8.73 -16.76 -30.35
CA SER A 246 -7.32 -17.10 -30.25
C SER A 246 -6.47 -16.06 -30.97
N LEU A 247 -5.25 -15.89 -30.46
CA LEU A 247 -4.27 -14.97 -31.05
C LEU A 247 -2.94 -15.69 -31.22
N ASP A 248 -2.38 -15.64 -32.42
CA ASP A 248 -0.95 -15.85 -32.57
C ASP A 248 -0.25 -14.54 -32.25
N VAL A 249 0.75 -14.63 -31.38
CA VAL A 249 1.53 -13.52 -30.87
C VAL A 249 3.00 -13.80 -31.10
N GLN A 250 3.67 -12.96 -31.89
CA GLN A 250 5.12 -13.03 -32.01
C GLN A 250 5.81 -12.38 -30.81
N VAL A 251 6.68 -13.15 -30.17
CA VAL A 251 7.33 -12.73 -28.92
C VAL A 251 8.31 -11.60 -29.22
N THR A 252 8.42 -10.67 -28.27
CA THR A 252 9.30 -9.51 -28.38
C THR A 252 10.37 -9.47 -27.29
N LYS A 253 9.98 -9.64 -26.03
CA LYS A 253 10.91 -9.64 -24.92
C LYS A 253 11.05 -11.06 -24.39
N LEU A 254 12.14 -11.32 -23.67
CA LEU A 254 12.30 -12.62 -23.03
C LEU A 254 11.45 -12.72 -21.77
N SER A 255 11.50 -13.89 -21.13
CA SER A 255 10.61 -14.19 -20.02
C SER A 255 10.82 -13.24 -18.84
N GLY A 256 12.07 -12.91 -18.55
CA GLY A 256 12.38 -11.97 -17.49
C GLY A 256 12.40 -10.51 -17.89
N GLU A 257 12.31 -10.21 -19.18
CA GLU A 257 12.36 -8.84 -19.65
C GLU A 257 10.99 -8.28 -19.99
N SER A 258 9.93 -9.03 -19.70
CA SER A 258 8.59 -8.53 -19.94
C SER A 258 8.20 -7.49 -18.88
N THR A 259 7.21 -6.69 -19.23
CA THR A 259 6.78 -5.59 -18.36
C THR A 259 6.33 -6.10 -16.99
N LEU A 260 5.60 -7.23 -16.98
CA LEU A 260 5.13 -7.80 -15.72
C LEU A 260 6.24 -8.51 -14.94
N ALA A 261 7.19 -9.13 -15.64
CA ALA A 261 8.36 -9.64 -14.94
C ALA A 261 9.12 -8.49 -14.29
N ARG A 262 9.16 -7.34 -14.97
CA ARG A 262 9.81 -6.17 -14.39
C ARG A 262 9.06 -5.67 -13.17
N VAL A 263 7.72 -5.69 -13.18
CA VAL A 263 7.03 -5.16 -12.00
C VAL A 263 7.19 -6.14 -10.84
N VAL A 264 7.31 -7.44 -11.13
CA VAL A 264 7.62 -8.40 -10.07
C VAL A 264 8.97 -8.08 -9.46
N THR A 265 10.00 -7.95 -10.30
CA THR A 265 11.35 -7.72 -9.80
C THR A 265 11.40 -6.42 -9.00
N LEU A 266 10.77 -5.36 -9.52
CA LEU A 266 10.79 -4.06 -8.86
C LEU A 266 10.12 -4.13 -7.49
N VAL A 267 9.00 -4.86 -7.40
CA VAL A 267 8.35 -5.02 -6.10
C VAL A 267 9.25 -5.80 -5.15
N ALA A 268 9.90 -6.87 -5.63
CA ALA A 268 10.70 -7.70 -4.75
C ALA A 268 11.89 -6.94 -4.17
N GLU A 269 12.45 -5.98 -4.89
CA GLU A 269 13.64 -5.26 -4.43
C GLU A 269 13.29 -4.01 -3.64
N ALA A 270 12.15 -4.03 -2.95
CA ALA A 270 11.71 -2.86 -2.20
C ALA A 270 12.62 -2.60 -1.01
N GLN A 271 12.89 -1.34 -0.73
CA GLN A 271 13.64 -1.00 0.46
C GLN A 271 12.67 -1.02 1.64
N THR A 272 13.02 -1.76 2.68
CA THR A 272 12.18 -1.81 3.87
C THR A 272 12.33 -0.48 4.63
N ARG A 273 11.30 0.36 4.57
CA ARG A 273 11.37 1.68 5.18
C ARG A 273 11.57 1.56 6.69
N GLN A 274 12.57 2.27 7.20
CA GLN A 274 12.86 2.25 8.63
C GLN A 274 12.38 3.54 9.28
N SER A 275 11.73 3.40 10.43
CA SER A 275 11.21 4.55 11.15
C SER A 275 12.36 5.44 11.62
N PRO A 276 12.24 6.76 11.49
CA PRO A 276 13.30 7.65 11.99
C PRO A 276 13.55 7.55 13.48
N THR A 277 12.51 7.31 14.29
CA THR A 277 12.71 7.17 15.73
C THR A 277 13.52 5.91 16.09
N GLN A 278 13.28 4.78 15.41
CA GLN A 278 13.91 3.53 15.83
C GLN A 278 15.40 3.50 15.52
N ASN A 279 15.81 3.86 14.29
CA ASN A 279 17.23 3.87 13.98
C ASN A 279 17.99 4.90 14.82
N PHE A 280 17.33 6.01 15.17
CA PHE A 280 17.89 6.93 16.15
C PHE A 280 18.21 6.22 17.45
N THR A 281 17.30 5.38 17.94
CA THR A 281 17.55 4.67 19.19
C THR A 281 18.62 3.60 19.02
N LYS A 282 18.76 3.03 17.83
CA LYS A 282 19.83 2.06 17.60
C LYS A 282 21.19 2.73 17.71
N LYS A 283 21.37 3.86 17.02
CA LYS A 283 22.64 4.58 17.13
C LYS A 283 22.85 5.12 18.55
N PHE A 284 21.75 5.51 19.21
CA PHE A 284 21.87 6.00 20.57
C PHE A 284 22.32 4.92 21.54
N GLU A 285 21.80 3.69 21.39
CA GLU A 285 22.32 2.61 22.23
C GLU A 285 23.78 2.31 21.89
N LYS A 286 24.12 2.31 20.60
CA LYS A 286 25.49 2.06 20.19
C LYS A 286 26.47 3.02 20.86
N ILE A 287 26.05 4.25 21.15
CA ILE A 287 26.91 5.16 21.92
C ILE A 287 26.69 5.03 23.43
N PHE A 288 25.43 4.99 23.87
CA PHE A 288 25.08 5.15 25.28
C PHE A 288 25.44 3.93 26.12
N VAL A 289 25.21 2.73 25.61
CA VAL A 289 25.42 1.52 26.41
C VAL A 289 26.88 1.34 26.78
N PRO A 290 27.82 1.29 25.83
CA PRO A 290 29.23 1.09 26.23
C PRO A 290 29.82 2.29 26.97
N CYS A 291 29.40 3.51 26.62
CA CYS A 291 29.89 4.68 27.31
C CYS A 291 29.51 4.66 28.79
N VAL A 292 28.23 4.38 29.09
CA VAL A 292 27.78 4.40 30.47
C VAL A 292 28.29 3.19 31.24
N ILE A 293 28.38 2.02 30.59
CA ILE A 293 28.87 0.87 31.34
C ILE A 293 30.39 0.89 31.50
N ALA A 294 31.10 1.71 30.73
CA ALA A 294 32.52 1.91 30.98
C ALA A 294 32.79 3.02 31.98
N LEU A 295 32.08 4.13 31.86
CA LEU A 295 32.34 5.31 32.69
C LEU A 295 31.79 5.17 34.10
N ALA A 296 30.81 4.31 34.33
CA ALA A 296 30.11 4.25 35.61
C ALA A 296 30.19 2.88 36.26
N PHE A 297 31.07 2.00 35.79
CA PHE A 297 31.38 0.76 36.48
C PHE A 297 32.81 0.78 37.01
N VAL A 298 33.81 0.71 36.13
CA VAL A 298 35.18 0.52 36.60
C VAL A 298 35.74 1.84 37.14
N THR A 299 35.31 2.97 36.59
CA THR A 299 35.69 4.26 37.15
C THR A 299 34.98 4.52 38.48
N SER A 300 33.82 3.89 38.67
CA SER A 300 33.10 3.93 39.93
C SER A 300 33.31 2.69 40.78
N PHE A 301 34.09 1.72 40.30
CA PHE A 301 34.43 0.56 41.11
C PHE A 301 35.60 0.93 42.01
N SER A 302 35.34 1.00 43.32
CA SER A 302 36.36 1.13 44.35
C SER A 302 37.23 2.38 44.12
N PHE A 303 36.57 3.53 44.07
CA PHE A 303 37.30 4.78 43.89
C PHE A 303 38.04 5.13 45.17
N LEU A 304 39.34 5.42 45.03
CA LEU A 304 40.23 5.62 46.18
C LEU A 304 39.95 6.91 46.93
N ILE A 305 39.36 7.91 46.27
CA ILE A 305 39.31 9.25 46.85
C ILE A 305 38.26 9.34 47.95
N LEU A 306 37.14 8.65 47.78
CA LEU A 306 36.11 8.57 48.82
C LEU A 306 36.22 7.20 49.49
N ASP A 307 36.03 7.20 50.81
CA ASP A 307 36.23 5.98 51.60
C ASP A 307 35.25 4.88 51.22
N GLU A 308 35.79 3.72 50.85
CA GLU A 308 34.99 2.59 50.43
C GLU A 308 35.72 1.29 50.77
N THR A 309 34.97 0.30 51.22
CA THR A 309 35.50 -1.05 51.29
C THR A 309 35.65 -1.62 49.88
N ALA A 310 36.71 -2.40 49.67
CA ALA A 310 36.95 -2.97 48.34
C ALA A 310 35.77 -3.81 47.85
N ALA A 311 35.03 -4.42 48.78
CA ALA A 311 33.85 -5.20 48.43
C ALA A 311 32.56 -4.40 48.41
N GLN A 312 32.53 -3.20 48.98
CA GLN A 312 31.29 -2.45 49.10
C GLN A 312 31.10 -1.33 48.07
N SER A 313 32.17 -0.81 47.48
CA SER A 313 31.99 0.11 46.35
C SER A 313 31.70 -0.66 45.07
N PHE A 314 31.93 -1.97 45.12
CA PHE A 314 31.44 -2.91 44.11
C PHE A 314 29.92 -2.81 43.96
N TYR A 315 29.21 -2.55 45.07
CA TYR A 315 27.80 -2.17 44.99
C TYR A 315 27.62 -0.76 44.43
N ARG A 316 28.59 0.12 44.66
CA ARG A 316 28.42 1.52 44.31
C ARG A 316 28.45 1.73 42.81
N ALA A 317 29.28 0.97 42.10
CA ALA A 317 29.31 1.12 40.65
C ALA A 317 28.01 0.61 40.04
N MET A 318 27.51 -0.52 40.53
CA MET A 318 26.30 -1.07 39.93
C MET A 318 25.05 -0.29 40.29
N ALA A 319 25.04 0.49 41.38
CA ALA A 319 23.87 1.34 41.58
C ALA A 319 23.67 2.26 40.38
N VAL A 320 24.75 2.94 39.97
CA VAL A 320 24.71 3.85 38.82
C VAL A 320 24.41 3.08 37.54
N LEU A 321 25.10 1.95 37.34
CA LEU A 321 24.91 1.20 36.10
C LEU A 321 23.49 0.64 35.98
N VAL A 322 23.03 -0.04 37.04
CA VAL A 322 21.72 -0.70 37.02
C VAL A 322 20.59 0.32 36.86
N ALA A 323 20.69 1.46 37.54
CA ALA A 323 19.66 2.47 37.30
C ALA A 323 19.84 3.18 35.96
N ALA A 324 21.04 3.12 35.38
CA ALA A 324 21.30 3.79 34.11
C ALA A 324 20.62 3.08 32.94
N SER A 325 20.19 1.85 33.14
CA SER A 325 19.45 1.09 32.13
C SER A 325 18.15 1.81 31.78
N PRO A 326 18.11 2.51 30.64
CA PRO A 326 17.03 3.50 30.39
C PRO A 326 15.71 2.86 29.98
N CYS A 327 15.02 2.30 30.97
CA CYS A 327 13.81 1.52 30.68
C CYS A 327 12.63 2.38 30.32
N ALA A 328 12.60 3.64 30.77
CA ALA A 328 11.57 4.57 30.33
C ALA A 328 11.59 4.76 28.82
N LEU A 329 12.79 4.71 28.22
CA LEU A 329 12.90 4.85 26.77
C LEU A 329 12.47 3.59 26.04
N ALA A 330 12.78 2.41 26.59
CA ALA A 330 12.42 1.15 25.95
C ALA A 330 10.92 0.90 25.94
N ILE A 331 10.15 1.65 26.71
CA ILE A 331 8.70 1.47 26.75
C ILE A 331 7.95 2.61 26.07
N ALA A 332 8.58 3.78 25.91
CA ALA A 332 7.88 4.94 25.35
C ALA A 332 7.68 4.82 23.85
N THR A 333 8.67 4.33 23.13
CA THR A 333 8.63 4.31 21.67
C THR A 333 7.67 3.30 21.03
N PRO A 334 7.52 2.06 21.52
CA PRO A 334 6.54 1.17 20.88
C PRO A 334 5.09 1.40 21.31
N SER A 335 4.87 1.96 22.50
CA SER A 335 3.50 2.14 22.97
C SER A 335 2.77 3.19 22.16
N ALA A 336 3.46 4.29 21.81
CA ALA A 336 2.87 5.29 20.93
C ALA A 336 2.53 4.71 19.57
N VAL A 337 3.41 3.86 19.04
CA VAL A 337 3.17 3.21 17.76
C VAL A 337 1.88 2.39 17.81
N LEU A 338 1.77 1.53 18.83
CA LEU A 338 0.63 0.64 18.90
C LEU A 338 -0.66 1.42 19.12
N SER A 339 -0.61 2.48 19.94
CA SER A 339 -1.80 3.30 20.16
C SER A 339 -2.24 4.01 18.88
N GLY A 340 -1.28 4.58 18.13
CA GLY A 340 -1.65 5.24 16.88
C GLY A 340 -2.21 4.28 15.86
N VAL A 341 -1.64 3.07 15.78
CA VAL A 341 -2.15 2.10 14.82
C VAL A 341 -3.55 1.64 15.20
N ALA A 342 -3.81 1.48 16.51
CA ALA A 342 -5.15 1.09 16.94
C ALA A 342 -6.18 2.19 16.67
N ARG A 343 -5.80 3.44 16.88
CA ARG A 343 -6.71 4.54 16.56
C ARG A 343 -6.97 4.62 15.06
N ALA A 344 -5.93 4.36 14.24
CA ALA A 344 -6.14 4.33 12.79
C ALA A 344 -7.06 3.18 12.39
N ALA A 345 -6.94 2.03 13.07
CA ALA A 345 -7.79 0.88 12.74
C ALA A 345 -9.24 1.17 13.09
N ARG A 346 -9.51 1.75 14.26
CA ARG A 346 -10.88 2.16 14.57
C ARG A 346 -11.35 3.30 13.67
N GLY A 347 -10.42 4.04 13.05
CA GLY A 347 -10.80 5.04 12.06
C GLY A 347 -11.04 4.51 10.66
N GLY A 348 -10.75 3.25 10.40
CA GLY A 348 -10.97 2.65 9.10
C GLY A 348 -9.78 2.57 8.16
N VAL A 349 -8.56 2.73 8.66
CA VAL A 349 -7.36 2.56 7.85
C VAL A 349 -6.42 1.58 8.54
N LEU A 350 -5.94 0.59 7.79
CA LEU A 350 -4.92 -0.31 8.30
C LEU A 350 -3.54 0.30 8.08
N ILE A 351 -2.69 0.26 9.10
CA ILE A 351 -1.33 0.72 9.01
C ILE A 351 -0.43 -0.42 9.45
N LYS A 352 0.51 -0.83 8.60
CA LYS A 352 1.25 -2.06 8.88
C LYS A 352 2.37 -1.87 9.87
N GLY A 353 2.70 -0.65 10.25
CA GLY A 353 3.75 -0.46 11.22
C GLY A 353 3.90 1.00 11.61
N GLY A 354 4.94 1.24 12.41
CA GLY A 354 5.21 2.59 12.87
C GLY A 354 5.92 3.47 11.86
N ALA A 355 6.68 2.87 10.94
CA ALA A 355 7.43 3.68 9.97
C ALA A 355 6.51 4.43 9.01
N PRO A 356 5.51 3.81 8.38
CA PRO A 356 4.59 4.61 7.54
C PRO A 356 3.71 5.54 8.36
N LEU A 357 3.37 5.13 9.59
CA LEU A 357 2.61 6.00 10.49
C LEU A 357 3.38 7.29 10.79
N GLU A 358 4.70 7.18 10.94
CA GLU A 358 5.52 8.36 11.16
C GLU A 358 5.78 9.12 9.86
N ALA A 359 5.80 8.41 8.74
CA ALA A 359 6.11 9.04 7.46
C ALA A 359 4.94 9.84 6.89
N MET A 360 3.70 9.50 7.28
CA MET A 360 2.54 10.16 6.67
C MET A 360 2.47 11.65 6.97
N GLY A 361 2.93 12.07 8.15
CA GLY A 361 2.89 13.49 8.48
C GLY A 361 3.90 14.34 7.73
N HIS A 362 5.05 13.76 7.41
CA HIS A 362 6.18 14.48 6.84
C HIS A 362 6.10 14.62 5.32
N LEU A 363 4.98 14.26 4.72
CA LEU A 363 4.88 14.23 3.27
C LEU A 363 4.77 15.64 2.69
N ASP A 364 5.35 15.81 1.50
CA ASP A 364 5.20 17.01 0.70
C ASP A 364 4.38 16.80 -0.57
N ALA A 365 4.33 15.57 -1.07
CA ALA A 365 3.70 15.27 -2.34
C ALA A 365 2.87 14.01 -2.20
N ILE A 366 1.93 13.83 -3.13
CA ILE A 366 1.12 12.62 -3.20
C ILE A 366 0.68 12.43 -4.65
N ALA A 367 0.68 11.17 -5.09
CA ALA A 367 0.34 10.82 -6.46
C ALA A 367 -0.84 9.87 -6.48
N PHE A 368 -1.65 9.96 -7.53
CA PHE A 368 -2.93 9.28 -7.58
C PHE A 368 -3.08 8.49 -8.87
N ASP A 369 -3.36 7.20 -8.76
CA ASP A 369 -3.96 6.46 -9.86
C ASP A 369 -5.39 6.96 -10.08
N LYS A 370 -5.88 6.81 -11.31
CA LYS A 370 -7.21 7.31 -11.65
C LYS A 370 -8.29 6.26 -11.41
N THR A 371 -8.31 5.23 -12.26
CA THR A 371 -9.41 4.26 -12.25
C THR A 371 -9.37 3.42 -10.97
N GLY A 372 -10.47 3.46 -10.21
CA GLY A 372 -10.59 2.76 -8.96
C GLY A 372 -10.06 3.52 -7.76
N THR A 373 -9.30 4.59 -7.98
CA THR A 373 -8.73 5.38 -6.89
C THR A 373 -9.44 6.72 -6.80
N LEU A 374 -9.31 7.58 -7.82
CA LEU A 374 -10.06 8.82 -7.86
C LEU A 374 -11.41 8.66 -8.54
N THR A 375 -11.59 7.62 -9.35
CA THR A 375 -12.89 7.35 -9.95
C THR A 375 -13.58 6.20 -9.23
N ILE A 376 -14.88 6.09 -9.47
CA ILE A 376 -15.66 5.01 -8.88
C ILE A 376 -15.20 3.67 -9.43
N GLY A 377 -15.09 3.58 -10.75
CA GLY A 377 -14.53 2.41 -11.41
C GLY A 377 -15.43 1.81 -12.46
N GLU A 378 -16.38 2.60 -12.98
CA GLU A 378 -17.35 2.11 -13.94
C GLU A 378 -17.83 3.26 -14.82
N PRO A 379 -18.13 3.00 -16.09
CA PRO A 379 -18.62 4.06 -16.97
C PRO A 379 -20.07 4.42 -16.66
N HIS A 380 -20.35 5.71 -16.57
CA HIS A 380 -21.71 6.23 -16.48
C HIS A 380 -22.03 6.97 -17.76
N LEU A 381 -23.32 7.17 -18.01
CA LEU A 381 -23.72 7.95 -19.17
C LEU A 381 -23.67 9.44 -18.84
N VAL A 382 -22.77 10.18 -19.50
CA VAL A 382 -22.46 11.54 -19.11
C VAL A 382 -22.71 12.57 -20.20
N GLU A 383 -22.86 12.19 -21.46
CA GLU A 383 -23.12 13.18 -22.50
C GLU A 383 -24.09 12.63 -23.53
N ILE A 384 -25.12 13.42 -23.86
CA ILE A 384 -26.07 13.07 -24.90
C ILE A 384 -26.08 14.20 -25.92
N THR A 385 -25.90 13.86 -27.20
CA THR A 385 -25.80 14.87 -28.25
C THR A 385 -26.70 14.42 -29.41
N PRO A 386 -27.93 14.90 -29.46
CA PRO A 386 -28.81 14.57 -30.59
C PRO A 386 -28.33 15.23 -31.87
N TYR A 387 -28.95 14.82 -32.97
CA TYR A 387 -28.54 15.27 -34.29
C TYR A 387 -29.77 15.39 -35.18
N GLY A 388 -29.81 16.46 -35.97
CA GLY A 388 -30.86 16.60 -36.96
C GLY A 388 -32.22 16.79 -36.31
N ASP A 389 -33.20 16.06 -36.81
CA ASP A 389 -34.57 16.10 -36.29
C ASP A 389 -34.82 15.11 -35.17
N ALA A 390 -33.77 14.51 -34.61
CA ALA A 390 -33.94 13.52 -33.55
C ALA A 390 -34.05 14.20 -32.20
N THR A 391 -34.97 13.70 -31.36
CA THR A 391 -35.08 14.18 -30.00
C THR A 391 -34.04 13.50 -29.12
N GLU A 392 -33.92 13.99 -27.88
CA GLU A 392 -33.05 13.32 -26.92
C GLU A 392 -33.63 11.96 -26.52
N THR A 393 -34.95 11.88 -26.34
CA THR A 393 -35.58 10.61 -25.96
C THR A 393 -35.52 9.58 -27.07
N GLU A 394 -35.61 9.99 -28.35
CA GLU A 394 -35.46 9.02 -29.42
C GLU A 394 -34.05 8.42 -29.41
N LEU A 395 -33.04 9.27 -29.24
CA LEU A 395 -31.65 8.80 -29.19
C LEU A 395 -31.43 7.85 -28.02
N LEU A 396 -31.91 8.24 -26.84
CA LEU A 396 -31.73 7.39 -25.66
C LEU A 396 -32.52 6.09 -25.76
N GLN A 397 -33.73 6.14 -26.32
CA GLN A 397 -34.53 4.92 -26.38
C GLN A 397 -33.99 3.95 -27.41
N VAL A 398 -33.50 4.44 -28.55
CA VAL A 398 -32.93 3.52 -29.53
C VAL A 398 -31.64 2.92 -28.98
N SER A 399 -30.85 3.75 -28.28
CA SER A 399 -29.63 3.24 -27.65
C SER A 399 -29.93 2.14 -26.66
N ALA A 400 -30.90 2.37 -25.76
CA ALA A 400 -31.21 1.35 -24.77
C ALA A 400 -31.90 0.15 -25.40
N ALA A 401 -32.60 0.34 -26.52
CA ALA A 401 -33.28 -0.75 -27.19
C ALA A 401 -32.27 -1.72 -27.78
N VAL A 402 -31.15 -1.20 -28.31
CA VAL A 402 -30.11 -2.09 -28.81
C VAL A 402 -29.25 -2.64 -27.67
N GLU A 403 -28.80 -1.77 -26.76
CA GLU A 403 -27.83 -2.22 -25.76
C GLU A 403 -28.45 -3.16 -24.73
N MET A 404 -29.77 -3.33 -24.72
CA MET A 404 -30.42 -4.39 -23.96
C MET A 404 -30.07 -5.78 -24.48
N LEU A 405 -29.65 -5.91 -25.73
CA LEU A 405 -29.31 -7.19 -26.33
C LEU A 405 -27.81 -7.45 -26.38
N SER A 406 -26.99 -6.43 -26.13
CA SER A 406 -25.55 -6.57 -26.20
C SER A 406 -25.01 -7.11 -24.87
N ASP A 407 -23.78 -7.60 -24.92
CA ASP A 407 -23.09 -8.09 -23.74
C ASP A 407 -21.78 -7.37 -23.48
N HIS A 408 -21.52 -6.29 -24.21
CA HIS A 408 -20.35 -5.46 -23.94
C HIS A 408 -20.55 -4.73 -22.61
N PRO A 409 -19.47 -4.43 -21.90
CA PRO A 409 -19.63 -3.78 -20.58
C PRO A 409 -20.27 -2.39 -20.63
N LEU A 410 -20.22 -1.69 -21.76
CA LEU A 410 -20.87 -0.39 -21.86
C LEU A 410 -22.39 -0.49 -22.03
N ALA A 411 -22.88 -1.62 -22.54
CA ALA A 411 -24.31 -1.81 -22.72
C ALA A 411 -25.07 -1.70 -21.41
N GLN A 412 -24.50 -2.28 -20.34
CA GLN A 412 -25.18 -2.28 -19.05
C GLN A 412 -25.28 -0.87 -18.48
N ALA A 413 -24.23 -0.06 -18.67
CA ALA A 413 -24.26 1.33 -18.26
C ALA A 413 -25.33 2.09 -19.04
N VAL A 414 -25.35 1.91 -20.36
CA VAL A 414 -26.33 2.61 -21.18
C VAL A 414 -27.76 2.25 -20.75
N VAL A 415 -28.02 0.97 -20.52
CA VAL A 415 -29.39 0.55 -20.17
C VAL A 415 -29.79 1.08 -18.80
N ARG A 416 -28.92 0.96 -17.79
CA ARG A 416 -29.33 1.45 -16.47
C ARG A 416 -29.45 2.97 -16.44
N ASP A 417 -28.65 3.69 -17.24
CA ASP A 417 -28.71 5.13 -17.15
C ASP A 417 -29.81 5.73 -18.02
N VAL A 418 -30.17 5.07 -19.12
CA VAL A 418 -31.39 5.47 -19.82
C VAL A 418 -32.60 5.15 -18.96
N LYS A 419 -32.57 4.06 -18.20
CA LYS A 419 -33.68 3.79 -17.29
C LYS A 419 -33.72 4.83 -16.16
N ASP A 420 -32.56 5.33 -15.75
CA ASP A 420 -32.55 6.41 -14.76
C ASP A 420 -33.11 7.71 -15.33
N ARG A 421 -32.73 8.06 -16.56
CA ARG A 421 -33.12 9.36 -17.11
C ARG A 421 -34.58 9.37 -17.54
N LEU A 422 -35.05 8.28 -18.15
CA LEU A 422 -36.41 8.24 -18.67
C LEU A 422 -37.39 7.56 -17.71
N GLY A 423 -36.90 6.89 -16.66
CA GLY A 423 -37.77 6.14 -15.77
C GLY A 423 -38.18 4.78 -16.31
N ASP A 424 -38.16 4.60 -17.63
CA ASP A 424 -38.62 3.40 -18.30
C ASP A 424 -37.53 2.89 -19.22
N LEU A 425 -37.80 1.74 -19.84
CA LEU A 425 -37.01 1.22 -20.92
C LEU A 425 -37.98 0.88 -22.04
N PRO A 426 -37.62 1.13 -23.29
CA PRO A 426 -38.53 0.83 -24.41
C PRO A 426 -38.54 -0.67 -24.67
N SER A 427 -39.32 -1.07 -25.66
CA SER A 427 -39.25 -2.45 -26.11
C SER A 427 -37.90 -2.71 -26.78
N GLU A 428 -37.32 -3.85 -26.46
CA GLU A 428 -36.01 -4.23 -26.96
C GLU A 428 -36.03 -4.46 -28.47
N ALA A 429 -34.83 -4.46 -29.05
CA ALA A 429 -34.67 -4.51 -30.50
C ALA A 429 -34.76 -5.95 -31.00
N SER A 430 -34.63 -6.11 -32.32
CA SER A 430 -34.56 -7.40 -32.98
C SER A 430 -33.25 -7.53 -33.75
N ASP A 431 -32.90 -8.78 -34.07
CA ASP A 431 -31.84 -9.08 -35.02
C ASP A 431 -30.49 -8.51 -34.59
N PHE A 432 -30.11 -8.77 -33.35
CA PHE A 432 -28.83 -8.28 -32.85
C PHE A 432 -27.69 -8.98 -33.57
N ALA A 433 -26.66 -8.20 -33.93
CA ALA A 433 -25.49 -8.71 -34.61
C ALA A 433 -24.30 -7.83 -34.25
N ASN A 434 -23.12 -8.43 -34.17
CA ASN A 434 -21.90 -7.68 -33.91
C ASN A 434 -21.14 -7.38 -35.19
N ILE A 435 -20.56 -6.18 -35.25
CA ILE A 435 -19.52 -5.83 -36.20
C ILE A 435 -18.24 -5.77 -35.38
N ILE A 436 -17.37 -6.77 -35.57
CA ILE A 436 -16.39 -7.14 -34.55
C ILE A 436 -15.35 -6.04 -34.42
N GLY A 437 -15.17 -5.56 -33.19
CA GLY A 437 -14.25 -4.47 -32.90
C GLY A 437 -14.78 -3.09 -33.21
N GLN A 438 -16.01 -2.96 -33.68
CA GLN A 438 -16.54 -1.67 -34.10
C GLN A 438 -17.88 -1.34 -33.46
N GLY A 439 -18.70 -2.35 -33.18
CA GLY A 439 -19.96 -2.08 -32.52
C GLY A 439 -21.00 -3.11 -32.89
N VAL A 440 -22.26 -2.68 -32.93
CA VAL A 440 -23.40 -3.59 -33.01
C VAL A 440 -24.43 -3.05 -34.00
N SER A 441 -25.33 -3.94 -34.42
CA SER A 441 -26.46 -3.62 -35.26
C SER A 441 -27.70 -4.36 -34.77
N ALA A 442 -28.86 -3.78 -35.02
CA ALA A 442 -30.14 -4.37 -34.64
C ALA A 442 -31.22 -3.76 -35.52
N LYS A 443 -32.48 -4.03 -35.17
CA LYS A 443 -33.62 -3.52 -35.94
C LYS A 443 -34.66 -3.03 -34.96
N VAL A 444 -35.02 -1.75 -35.07
CA VAL A 444 -36.02 -1.12 -34.22
C VAL A 444 -37.05 -0.42 -35.11
N ASP A 445 -38.33 -0.73 -34.89
CA ASP A 445 -39.45 -0.09 -35.59
C ASP A 445 -39.28 -0.22 -37.11
N SER A 446 -38.95 -1.44 -37.54
CA SER A 446 -38.75 -1.79 -38.95
C SER A 446 -37.61 -1.01 -39.61
N LYS A 447 -36.74 -0.37 -38.83
CA LYS A 447 -35.56 0.26 -39.41
C LYS A 447 -34.29 -0.36 -38.83
N VAL A 448 -33.21 -0.27 -39.60
CA VAL A 448 -31.94 -0.88 -39.22
C VAL A 448 -31.12 0.12 -38.42
N VAL A 449 -30.68 -0.30 -37.23
CA VAL A 449 -29.96 0.56 -36.29
C VAL A 449 -28.51 0.09 -36.22
N HIS A 450 -27.58 1.03 -36.34
CA HIS A 450 -26.17 0.76 -36.11
C HIS A 450 -25.65 1.65 -35.00
N ILE A 451 -24.93 1.05 -34.04
CA ILE A 451 -24.31 1.79 -32.94
C ILE A 451 -22.85 1.40 -32.85
N GLY A 452 -21.96 2.38 -32.74
CA GLY A 452 -20.60 2.03 -32.37
C GLY A 452 -19.60 3.14 -32.61
N LYS A 453 -18.34 2.72 -32.75
CA LYS A 453 -17.22 3.63 -32.97
C LYS A 453 -17.39 4.39 -34.28
N THR A 454 -16.57 5.41 -34.47
CA THR A 454 -16.66 6.19 -35.70
C THR A 454 -16.26 5.37 -36.91
N ALA A 455 -15.51 4.28 -36.70
CA ALA A 455 -15.08 3.42 -37.80
C ALA A 455 -16.17 2.50 -38.31
N LEU A 456 -17.27 2.34 -37.56
CA LEU A 456 -18.31 1.42 -37.99
C LEU A 456 -19.06 1.97 -39.19
N PHE A 457 -19.38 3.27 -39.16
CA PHE A 457 -20.16 3.87 -40.23
C PHE A 457 -19.32 4.13 -41.46
N GLU A 458 -18.00 4.04 -41.32
CA GLU A 458 -17.07 3.99 -42.44
C GLU A 458 -17.01 2.62 -43.09
N SER A 459 -17.61 1.60 -42.45
CA SER A 459 -17.44 0.21 -42.85
C SER A 459 -18.71 -0.47 -43.35
N VAL A 460 -19.89 0.12 -43.13
CA VAL A 460 -21.13 -0.58 -43.44
C VAL A 460 -21.88 0.15 -44.56
N ALA A 461 -23.00 -0.43 -44.99
CA ALA A 461 -23.62 -0.06 -46.26
C ALA A 461 -24.36 1.27 -46.23
N GLY A 462 -24.81 1.74 -45.07
CA GLY A 462 -25.71 2.88 -45.03
C GLY A 462 -25.13 4.24 -45.33
N LEU A 463 -25.88 5.28 -44.93
CA LEU A 463 -25.49 6.66 -45.23
C LEU A 463 -24.25 7.06 -44.43
N PRO A 464 -23.27 7.70 -45.07
CA PRO A 464 -22.02 8.01 -44.36
C PRO A 464 -22.18 9.12 -43.33
N LEU A 465 -21.14 9.27 -42.51
CA LEU A 465 -21.15 10.19 -41.39
C LEU A 465 -21.02 11.64 -41.86
N PRO A 466 -21.96 12.53 -41.54
CA PRO A 466 -21.76 13.95 -41.84
C PRO A 466 -20.56 14.51 -41.08
N ASP A 467 -19.96 15.55 -41.64
CA ASP A 467 -18.70 16.05 -41.08
C ASP A 467 -18.92 16.76 -39.76
N ASP A 468 -20.09 17.40 -39.58
CA ASP A 468 -20.34 18.15 -38.35
C ASP A 468 -20.51 17.22 -37.16
N LEU A 469 -21.28 16.14 -37.34
CA LEU A 469 -21.41 15.14 -36.29
C LEU A 469 -20.07 14.45 -36.05
N ARG A 470 -19.29 14.24 -37.12
CA ARG A 470 -17.96 13.68 -36.95
C ARG A 470 -17.12 14.56 -36.02
N GLY A 471 -17.13 15.87 -36.27
CA GLY A 471 -16.37 16.78 -35.43
C GLY A 471 -16.89 16.87 -34.02
N THR A 472 -18.21 16.76 -33.85
CA THR A 472 -18.79 16.73 -32.50
C THR A 472 -18.30 15.50 -31.74
N VAL A 473 -18.28 14.35 -32.41
CA VAL A 473 -17.80 13.13 -31.77
C VAL A 473 -16.31 13.25 -31.49
N GLU A 474 -15.56 13.89 -32.39
CA GLU A 474 -14.14 14.13 -32.17
C GLU A 474 -13.93 14.94 -30.89
N ALA A 475 -14.76 15.97 -30.72
CA ALA A 475 -14.68 16.82 -29.53
C ALA A 475 -15.05 16.05 -28.27
N MET A 476 -16.01 15.14 -28.37
CA MET A 476 -16.33 14.29 -27.22
C MET A 476 -15.18 13.34 -26.90
N SER A 477 -14.52 12.80 -27.92
CA SER A 477 -13.42 11.88 -27.66
C SER A 477 -12.26 12.61 -26.99
N GLN A 478 -11.99 13.85 -27.40
CA GLN A 478 -10.90 14.57 -26.80
C GLN A 478 -11.24 15.02 -25.38
N ASN A 479 -12.52 15.15 -25.05
CA ASN A 479 -12.94 15.52 -23.71
C ASN A 479 -13.01 14.31 -22.78
N GLY A 480 -12.49 13.16 -23.20
CA GLY A 480 -12.41 11.99 -22.37
C GLY A 480 -13.66 11.13 -22.34
N ARG A 481 -14.49 11.21 -23.38
CA ARG A 481 -15.73 10.45 -23.47
C ARG A 481 -15.55 9.29 -24.42
N THR A 482 -15.82 8.08 -23.95
CA THR A 482 -15.99 6.94 -24.86
C THR A 482 -17.31 7.14 -25.61
N THR A 483 -17.25 7.17 -26.93
CA THR A 483 -18.33 7.74 -27.73
C THR A 483 -18.91 6.71 -28.68
N MET A 484 -20.24 6.64 -28.72
CA MET A 484 -20.98 5.78 -29.63
C MET A 484 -21.85 6.65 -30.53
N ILE A 485 -21.82 6.38 -31.83
CA ILE A 485 -22.71 7.03 -32.78
C ILE A 485 -23.85 6.07 -33.09
N VAL A 486 -25.07 6.63 -33.20
CA VAL A 486 -26.31 5.88 -33.39
C VAL A 486 -26.99 6.37 -34.66
N ARG A 487 -27.17 5.44 -35.61
CA ARG A 487 -27.98 5.60 -36.81
C ARG A 487 -29.21 4.72 -36.74
N SER A 488 -30.36 5.27 -37.12
CA SER A 488 -31.58 4.50 -37.35
C SER A 488 -32.05 4.71 -38.78
N GLY A 489 -31.71 3.77 -39.65
CA GLY A 489 -32.17 3.84 -41.03
C GLY A 489 -31.44 4.93 -41.78
N ASP A 490 -32.20 5.83 -42.40
CA ASP A 490 -31.60 6.90 -43.20
C ASP A 490 -31.02 7.99 -42.32
N ARG A 491 -31.55 8.15 -41.11
CA ARG A 491 -31.24 9.27 -40.23
C ARG A 491 -30.19 8.88 -39.21
N TYR A 492 -29.20 9.76 -38.99
CA TYR A 492 -28.41 9.67 -37.77
C TYR A 492 -29.17 10.31 -36.62
N LEU A 493 -29.47 9.51 -35.60
CA LEU A 493 -30.05 10.05 -34.39
C LEU A 493 -29.01 10.78 -33.55
N GLY A 494 -27.74 10.40 -33.66
CA GLY A 494 -26.72 11.26 -33.08
C GLY A 494 -25.63 10.51 -32.33
N ALA A 495 -25.18 11.04 -31.20
CA ALA A 495 -24.07 10.40 -30.53
C ALA A 495 -24.21 10.55 -29.02
N ILE A 496 -23.51 9.67 -28.31
CA ILE A 496 -23.71 9.52 -26.88
C ILE A 496 -22.37 9.15 -26.27
N GLY A 497 -22.12 9.62 -25.06
CA GLY A 497 -20.79 9.55 -24.49
C GLY A 497 -20.78 9.12 -23.05
N LEU A 498 -19.95 8.13 -22.75
CA LEU A 498 -19.86 7.50 -21.45
C LEU A 498 -18.47 7.78 -20.86
N MET A 499 -18.39 7.78 -19.54
CA MET A 499 -17.13 8.10 -18.90
C MET A 499 -17.14 7.56 -17.48
N ASP A 500 -15.95 7.21 -17.00
CA ASP A 500 -15.79 6.80 -15.60
C ASP A 500 -15.69 8.08 -14.80
N THR A 501 -16.79 8.46 -14.14
CA THR A 501 -16.85 9.71 -13.42
C THR A 501 -16.00 9.64 -12.14
N PRO A 502 -15.48 10.77 -11.70
CA PRO A 502 -14.74 10.79 -10.43
C PRO A 502 -15.69 10.62 -9.25
N ARG A 503 -15.09 10.26 -8.12
CA ARG A 503 -15.83 10.18 -6.88
C ARG A 503 -16.26 11.58 -6.44
N GLU A 504 -17.40 11.66 -5.75
CA GLU A 504 -17.92 12.98 -5.39
C GLU A 504 -17.02 13.68 -4.37
N ASP A 505 -16.37 12.91 -3.51
CA ASP A 505 -15.51 13.45 -2.46
C ASP A 505 -14.08 13.69 -2.93
N ALA A 506 -13.80 13.58 -4.23
CA ALA A 506 -12.42 13.67 -4.70
C ALA A 506 -11.91 15.11 -4.58
N ARG A 507 -12.63 16.06 -5.18
CA ARG A 507 -12.22 17.46 -5.15
C ARG A 507 -12.07 17.97 -3.73
N SER A 508 -12.93 17.49 -2.82
CA SER A 508 -12.88 17.93 -1.43
C SER A 508 -11.59 17.48 -0.77
N VAL A 509 -11.25 16.20 -0.90
CA VAL A 509 -10.05 15.68 -0.25
C VAL A 509 -8.81 16.30 -0.88
N ILE A 510 -8.87 16.61 -2.18
CA ILE A 510 -7.75 17.26 -2.85
C ILE A 510 -7.50 18.65 -2.26
N ALA A 511 -8.58 19.43 -2.11
CA ALA A 511 -8.41 20.77 -1.52
C ALA A 511 -7.97 20.68 -0.07
N ALA A 512 -8.44 19.67 0.67
CA ALA A 512 -8.01 19.50 2.05
C ALA A 512 -6.51 19.20 2.12
N LEU A 513 -6.05 18.29 1.26
CA LEU A 513 -4.63 17.95 1.27
C LEU A 513 -3.77 19.14 0.86
N ARG A 514 -4.27 20.00 -0.02
CA ARG A 514 -3.54 21.24 -0.29
C ARG A 514 -3.52 22.15 0.93
N ASP A 515 -4.61 22.20 1.70
CA ASP A 515 -4.61 23.00 2.91
C ASP A 515 -3.61 22.49 3.95
N LEU A 516 -3.40 21.17 4.00
CA LEU A 516 -2.44 20.60 4.94
C LEU A 516 -1.01 20.58 4.44
N GLY A 517 -0.68 21.43 3.46
CA GLY A 517 0.71 21.63 3.08
C GLY A 517 1.20 20.74 1.95
N LEU A 518 0.32 20.00 1.30
CA LEU A 518 0.71 19.14 0.17
C LEU A 518 0.46 19.91 -1.12
N LYS A 519 1.38 20.82 -1.43
CA LYS A 519 1.24 21.62 -2.64
C LYS A 519 1.75 20.89 -3.88
N ARG A 520 2.38 19.73 -3.70
CA ARG A 520 2.89 18.94 -4.82
C ARG A 520 1.92 17.80 -5.06
N MET A 521 1.12 17.93 -6.13
CA MET A 521 -0.02 17.06 -6.39
C MET A 521 0.05 16.62 -7.85
N MET A 522 -0.20 15.33 -8.13
CA MET A 522 -0.25 14.91 -9.52
C MET A 522 -1.10 13.67 -9.69
N MET A 523 -1.62 13.52 -10.92
CA MET A 523 -2.26 12.30 -11.39
C MET A 523 -1.31 11.54 -12.30
N ILE A 524 -1.15 10.24 -12.07
CA ILE A 524 -0.32 9.38 -12.92
C ILE A 524 -1.12 8.11 -13.21
N SER A 525 -1.59 7.98 -14.45
CA SER A 525 -2.53 6.93 -14.81
C SER A 525 -2.08 6.23 -16.09
N GLY A 526 -2.50 4.98 -16.24
CA GLY A 526 -2.30 4.21 -17.45
C GLY A 526 -3.37 4.36 -18.50
N ASP A 527 -4.51 4.96 -18.14
CA ASP A 527 -5.55 5.28 -19.09
C ASP A 527 -5.07 6.38 -20.03
N ASN A 528 -5.82 6.62 -21.10
CA ASN A 528 -5.34 7.58 -22.08
C ASN A 528 -5.39 8.99 -21.50
N GLN A 529 -4.73 9.93 -22.20
CA GLN A 529 -4.53 11.24 -21.62
C GLN A 529 -5.80 12.08 -21.60
N ASN A 530 -6.76 11.81 -22.49
CA ASN A 530 -8.00 12.59 -22.47
C ASN A 530 -8.79 12.35 -21.19
N VAL A 531 -8.98 11.09 -20.82
CA VAL A 531 -9.68 10.75 -19.58
C VAL A 531 -8.91 11.26 -18.37
N ALA A 532 -7.59 11.17 -18.40
CA ALA A 532 -6.77 11.64 -17.29
C ALA A 532 -6.92 13.14 -17.11
N ASN A 533 -6.83 13.91 -18.21
CA ASN A 533 -6.99 15.35 -18.11
C ASN A 533 -8.38 15.73 -17.65
N ALA A 534 -9.41 15.03 -18.16
CA ALA A 534 -10.78 15.41 -17.83
C ALA A 534 -11.10 15.13 -16.38
N VAL A 535 -10.71 13.94 -15.87
CA VAL A 535 -10.89 13.66 -14.44
C VAL A 535 -10.04 14.58 -13.57
N ALA A 536 -8.80 14.86 -13.98
CA ALA A 536 -7.94 15.71 -13.16
C ALA A 536 -8.49 17.13 -13.09
N LYS A 537 -9.06 17.63 -14.19
CA LYS A 537 -9.75 18.91 -14.16
C LYS A 537 -10.97 18.85 -13.26
N GLU A 538 -11.76 17.77 -13.35
CA GLU A 538 -12.99 17.69 -12.58
C GLU A 538 -12.72 17.50 -11.10
N VAL A 539 -11.50 17.11 -10.73
CA VAL A 539 -11.13 16.89 -9.34
C VAL A 539 -10.29 18.03 -8.81
N GLY A 540 -9.54 18.69 -9.69
CA GLY A 540 -8.69 19.79 -9.31
C GLY A 540 -7.22 19.46 -9.18
N LEU A 541 -6.71 18.51 -9.95
CA LEU A 541 -5.29 18.23 -10.03
C LEU A 541 -4.71 18.96 -11.24
N ASP A 542 -3.58 19.63 -11.04
CA ASP A 542 -3.05 20.52 -12.07
C ASP A 542 -2.27 19.76 -13.13
N THR A 543 -1.55 18.71 -12.74
CA THR A 543 -0.72 17.95 -13.66
C THR A 543 -1.26 16.53 -13.73
N ALA A 544 -1.55 16.06 -14.94
CA ALA A 544 -2.10 14.74 -15.16
C ALA A 544 -1.32 14.05 -16.26
N PHE A 545 -0.80 12.86 -15.96
CA PHE A 545 -0.06 12.06 -16.92
C PHE A 545 -0.82 10.76 -17.16
N GLY A 546 -1.24 10.55 -18.40
CA GLY A 546 -1.81 9.30 -18.82
C GLY A 546 -0.86 8.47 -19.65
N ASP A 547 -1.37 7.36 -20.17
CA ASP A 547 -0.64 6.51 -21.10
C ASP A 547 0.66 6.00 -20.49
N LEU A 548 0.70 5.92 -19.16
CA LEU A 548 1.90 5.52 -18.44
C LEU A 548 1.95 4.01 -18.25
N MET A 549 3.14 3.46 -18.38
CA MET A 549 3.48 2.11 -17.93
C MET A 549 3.86 2.15 -16.46
N PRO A 550 3.91 1.00 -15.78
CA PRO A 550 4.22 1.03 -14.34
C PRO A 550 5.57 1.66 -14.03
N GLU A 551 6.58 1.39 -14.87
CA GLU A 551 7.88 1.99 -14.66
C GLU A 551 7.82 3.50 -14.79
N ASP A 552 6.92 4.02 -15.62
CA ASP A 552 6.79 5.46 -15.76
C ASP A 552 6.23 6.08 -14.49
N LYS A 553 5.31 5.36 -13.81
CA LYS A 553 4.86 5.79 -12.51
C LYS A 553 6.01 5.78 -11.51
N VAL A 554 6.87 4.76 -11.57
CA VAL A 554 8.02 4.73 -10.67
C VAL A 554 8.95 5.91 -10.94
N THR A 555 9.09 6.27 -12.21
CA THR A 555 9.91 7.41 -12.61
C THR A 555 9.37 8.71 -12.01
N LYS A 556 8.07 8.94 -12.16
CA LYS A 556 7.46 10.13 -11.58
C LYS A 556 7.58 10.14 -10.06
N ILE A 557 7.41 8.97 -9.43
CA ILE A 557 7.49 8.91 -7.96
C ILE A 557 8.88 9.22 -7.48
N ALA A 558 9.91 8.70 -8.15
CA ALA A 558 11.29 9.01 -7.74
C ALA A 558 11.59 10.48 -7.95
N ALA A 559 11.08 11.05 -9.05
CA ALA A 559 11.26 12.48 -9.29
C ALA A 559 10.63 13.32 -8.19
N LEU A 560 9.52 12.86 -7.62
CA LEU A 560 8.95 13.60 -6.51
C LEU A 560 9.71 13.35 -5.21
N LYS A 561 10.15 12.11 -5.01
CA LYS A 561 10.80 11.74 -3.75
C LYS A 561 12.15 12.41 -3.58
N ALA A 562 12.76 12.85 -4.69
CA ALA A 562 13.99 13.63 -4.58
C ALA A 562 13.81 14.93 -3.81
N ASP A 563 12.59 15.48 -3.76
CA ASP A 563 12.35 16.78 -3.13
C ASP A 563 11.62 16.70 -1.80
N GLY A 564 11.29 15.50 -1.34
CA GLY A 564 10.56 15.34 -0.10
C GLY A 564 9.97 13.96 -0.02
N GLY A 565 9.16 13.75 1.03
CA GLY A 565 8.48 12.47 1.19
C GLY A 565 7.20 12.46 0.37
N VAL A 566 6.91 11.29 -0.22
CA VAL A 566 5.82 11.16 -1.19
C VAL A 566 5.02 9.91 -0.90
N ALA A 567 3.72 10.00 -1.13
CA ALA A 567 2.79 8.88 -1.01
C ALA A 567 2.28 8.49 -2.38
N MET A 568 2.24 7.19 -2.63
CA MET A 568 1.59 6.64 -3.82
C MET A 568 0.37 5.86 -3.36
N VAL A 569 -0.81 6.36 -3.69
CA VAL A 569 -2.08 5.72 -3.37
C VAL A 569 -2.73 5.24 -4.67
N GLY A 570 -3.11 3.98 -4.68
CA GLY A 570 -3.67 3.36 -5.87
C GLY A 570 -4.37 2.07 -5.53
N ASP A 571 -4.69 1.30 -6.57
CA ASP A 571 -5.48 0.10 -6.33
C ASP A 571 -5.18 -1.09 -7.24
N GLY A 572 -4.33 -0.91 -8.25
CA GLY A 572 -4.11 -1.95 -9.24
C GLY A 572 -2.74 -2.60 -9.12
N VAL A 573 -2.54 -3.59 -10.00
CA VAL A 573 -1.25 -4.28 -10.04
C VAL A 573 -0.15 -3.35 -10.52
N ASN A 574 -0.41 -2.56 -11.56
CA ASN A 574 0.60 -1.67 -12.12
C ASN A 574 0.97 -0.51 -11.20
N ASP A 575 0.29 -0.34 -10.07
CA ASP A 575 0.66 0.69 -9.12
C ASP A 575 1.61 0.17 -8.04
N ALA A 576 1.79 -1.14 -7.93
CA ALA A 576 2.55 -1.71 -6.83
C ALA A 576 4.04 -1.33 -6.81
N PRO A 577 4.75 -1.22 -7.95
CA PRO A 577 6.14 -0.75 -7.87
C PRO A 577 6.26 0.71 -7.44
N ALA A 578 5.36 1.57 -7.93
CA ALA A 578 5.41 2.96 -7.51
C ALA A 578 5.06 3.10 -6.05
N MET A 579 4.19 2.22 -5.53
CA MET A 579 3.95 2.19 -4.09
C MET A 579 5.20 1.73 -3.35
N ALA A 580 5.90 0.72 -3.89
CA ALA A 580 7.01 0.13 -3.18
C ALA A 580 8.19 1.08 -3.09
N ASN A 581 8.41 1.90 -4.12
CA ASN A 581 9.54 2.82 -4.11
C ASN A 581 9.21 4.16 -3.47
N ALA A 582 7.94 4.47 -3.24
CA ALA A 582 7.55 5.74 -2.64
C ALA A 582 7.86 5.74 -1.15
N THR A 583 7.73 6.92 -0.54
CA THR A 583 7.93 7.03 0.90
C THR A 583 6.85 6.29 1.66
N VAL A 584 5.60 6.38 1.21
CA VAL A 584 4.54 5.53 1.77
C VAL A 584 3.57 5.13 0.68
N GLY A 585 3.23 3.84 0.64
CA GLY A 585 2.29 3.29 -0.32
C GLY A 585 0.96 2.99 0.33
N ILE A 586 -0.11 3.42 -0.34
CA ILE A 586 -1.47 3.35 0.20
C ILE A 586 -2.34 2.68 -0.86
N ALA A 587 -3.11 1.68 -0.44
CA ALA A 587 -3.99 0.96 -1.35
C ALA A 587 -5.45 1.18 -0.98
N MET A 588 -6.28 1.30 -2.00
CA MET A 588 -7.73 1.26 -1.82
C MET A 588 -8.15 -0.12 -1.31
N GLY A 589 -8.80 -0.13 -0.15
CA GLY A 589 -8.90 -1.37 0.60
C GLY A 589 -9.87 -2.40 0.03
N ALA A 590 -11.03 -1.95 -0.47
CA ALA A 590 -12.06 -2.91 -0.84
C ALA A 590 -11.91 -3.36 -2.29
N ALA A 591 -11.92 -2.41 -3.23
CA ALA A 591 -11.87 -2.76 -4.64
C ALA A 591 -10.48 -3.16 -5.11
N GLY A 592 -9.45 -2.90 -4.29
CA GLY A 592 -8.08 -3.06 -4.74
C GLY A 592 -7.69 -4.52 -4.94
N SER A 593 -6.70 -4.70 -5.80
CA SER A 593 -6.09 -6.01 -5.99
C SER A 593 -5.42 -6.48 -4.69
N ASP A 594 -5.35 -7.80 -4.52
CA ASP A 594 -4.65 -8.33 -3.36
C ASP A 594 -3.16 -8.03 -3.42
N VAL A 595 -2.61 -7.90 -4.63
CA VAL A 595 -1.22 -7.51 -4.81
C VAL A 595 -0.97 -6.13 -4.20
N ALA A 596 -1.82 -5.16 -4.55
CA ALA A 596 -1.63 -3.80 -4.06
C ALA A 596 -1.87 -3.68 -2.56
N LEU A 597 -2.79 -4.49 -2.01
CA LEU A 597 -3.01 -4.47 -0.58
C LEU A 597 -1.84 -5.07 0.17
N GLU A 598 -1.28 -6.17 -0.35
CA GLU A 598 -0.16 -6.80 0.33
C GLU A 598 1.12 -5.97 0.19
N THR A 599 1.22 -5.18 -0.88
CA THR A 599 2.38 -4.33 -1.09
C THR A 599 2.30 -3.03 -0.28
N ALA A 600 1.11 -2.44 -0.17
CA ALA A 600 0.98 -1.12 0.42
C ALA A 600 1.26 -1.14 1.92
N ASP A 601 1.66 0.01 2.44
CA ASP A 601 1.89 0.21 3.86
C ASP A 601 0.66 0.75 4.58
N ILE A 602 -0.25 1.37 3.84
CA ILE A 602 -1.49 1.91 4.36
C ILE A 602 -2.62 1.31 3.52
N ALA A 603 -3.73 0.98 4.17
CA ALA A 603 -4.90 0.46 3.47
C ALA A 603 -6.11 1.29 3.87
N LEU A 604 -6.71 1.97 2.89
CA LEU A 604 -7.95 2.72 3.12
C LEU A 604 -9.10 1.70 3.11
N MET A 605 -9.37 1.13 4.28
CA MET A 605 -10.26 -0.02 4.35
C MET A 605 -11.71 0.32 4.06
N ALA A 606 -12.11 1.58 4.23
CA ALA A 606 -13.47 1.96 3.86
C ALA A 606 -13.59 2.22 2.37
N ASP A 607 -12.48 2.17 1.64
CA ASP A 607 -12.44 2.42 0.20
C ASP A 607 -12.97 3.81 -0.14
N ASP A 608 -12.82 4.75 0.79
CA ASP A 608 -13.14 6.15 0.56
C ASP A 608 -11.92 7.01 0.88
N LEU A 609 -11.85 8.15 0.22
CA LEU A 609 -10.68 9.02 0.28
C LEU A 609 -10.68 9.97 1.46
N GLN A 610 -11.83 10.17 2.11
CA GLN A 610 -11.92 11.06 3.25
C GLN A 610 -11.08 10.60 4.43
N THR A 611 -10.63 9.35 4.44
CA THR A 611 -9.70 8.87 5.46
C THR A 611 -8.30 9.46 5.32
N LEU A 612 -7.98 10.11 4.19
CA LEU A 612 -6.62 10.61 4.00
C LEU A 612 -6.31 11.91 4.75
N PRO A 613 -7.19 12.90 4.78
CA PRO A 613 -6.88 14.07 5.63
C PRO A 613 -6.86 13.72 7.10
N PHE A 614 -7.67 12.76 7.51
CA PHE A 614 -7.61 12.26 8.88
C PHE A 614 -6.26 11.62 9.17
N ALA A 615 -5.85 10.69 8.32
CA ALA A 615 -4.63 9.91 8.54
C ALA A 615 -3.42 10.81 8.77
N VAL A 616 -3.12 11.67 7.79
CA VAL A 616 -1.97 12.57 7.91
C VAL A 616 -2.07 13.36 9.20
N GLY A 617 -3.27 13.82 9.56
CA GLY A 617 -3.41 14.59 10.78
C GLY A 617 -2.96 13.80 11.99
N LEU A 618 -3.48 12.58 12.13
CA LEU A 618 -3.08 11.73 13.24
C LEU A 618 -1.57 11.55 13.23
N SER A 619 -1.00 11.33 12.05
CA SER A 619 0.43 11.05 11.98
C SER A 619 1.21 12.19 12.60
N ARG A 620 0.82 13.43 12.31
CA ARG A 620 1.55 14.57 12.83
C ARG A 620 1.55 14.56 14.35
N LYS A 621 0.35 14.40 14.94
CA LYS A 621 0.29 14.43 16.39
C LYS A 621 1.02 13.25 16.99
N THR A 622 1.04 12.11 16.30
CA THR A 622 1.75 10.96 16.83
C THR A 622 3.22 11.28 17.02
N SER A 623 3.82 11.99 16.07
CA SER A 623 5.21 12.35 16.22
C SER A 623 5.41 13.21 17.46
N ARG A 624 4.50 14.18 17.70
CA ARG A 624 4.60 14.97 18.92
C ARG A 624 4.59 14.05 20.14
N ILE A 625 3.70 13.07 20.15
CA ILE A 625 3.57 12.22 21.32
C ILE A 625 4.84 11.40 21.53
N ILE A 626 5.55 11.05 20.46
CA ILE A 626 6.77 10.32 20.74
C ILE A 626 7.91 11.29 21.06
N ARG A 627 7.92 12.48 20.44
CA ARG A 627 9.05 13.38 20.64
C ARG A 627 9.18 13.77 22.10
N LEU A 628 8.10 14.31 22.67
CA LEU A 628 8.04 14.52 24.11
C LEU A 628 8.45 13.26 24.86
N ASN A 629 7.79 12.14 24.55
CA ASN A 629 8.07 10.90 25.28
C ASN A 629 9.48 10.41 25.03
N LEU A 630 10.13 10.88 23.98
CA LEU A 630 11.55 10.56 23.83
C LEU A 630 12.37 11.30 24.88
N TRP A 631 12.28 12.64 24.87
CA TRP A 631 13.23 13.43 25.64
C TRP A 631 13.08 13.15 27.13
N PHE A 632 11.85 13.18 27.63
CA PHE A 632 11.55 12.77 28.99
C PHE A 632 12.19 11.43 29.32
N SER A 633 11.90 10.40 28.52
CA SER A 633 12.42 9.07 28.83
C SER A 633 13.92 9.04 28.77
N LEU A 634 14.52 9.93 28.00
CA LEU A 634 15.97 10.04 28.03
C LEU A 634 16.41 10.96 29.16
N GLY A 635 15.76 12.12 29.26
CA GLY A 635 16.24 13.17 30.14
C GLY A 635 16.29 12.73 31.59
N VAL A 636 15.19 12.17 32.09
CA VAL A 636 15.16 11.68 33.46
C VAL A 636 16.29 10.69 33.72
N VAL A 637 16.61 9.84 32.75
CA VAL A 637 17.77 8.97 32.92
C VAL A 637 19.03 9.81 33.03
N ALA A 638 19.24 10.69 32.04
CA ALA A 638 20.33 11.65 32.10
C ALA A 638 20.18 12.61 33.27
N LEU A 639 19.01 12.65 33.92
CA LEU A 639 18.84 13.47 35.11
C LEU A 639 18.95 12.67 36.40
N LEU A 640 18.68 11.36 36.36
CA LEU A 640 18.67 10.58 37.59
C LEU A 640 19.93 9.77 37.78
N ILE A 641 20.79 9.69 36.77
CA ILE A 641 21.97 8.82 36.82
C ILE A 641 23.25 9.53 37.21
N PRO A 642 23.52 10.77 36.79
CA PRO A 642 24.52 11.55 37.52
C PRO A 642 24.14 11.71 38.99
N ALA A 643 22.85 11.95 39.25
CA ALA A 643 22.35 11.92 40.62
C ALA A 643 22.51 10.55 41.27
N THR A 644 22.64 9.49 40.47
CA THR A 644 22.94 8.19 41.02
C THR A 644 24.43 8.00 41.34
N LEU A 645 25.33 8.72 40.66
CA LEU A 645 26.72 8.61 41.09
C LEU A 645 26.95 9.39 42.37
N PHE A 646 26.12 10.39 42.63
CA PHE A 646 26.19 11.21 43.83
C PHE A 646 24.99 10.86 44.71
N GLY A 647 25.11 9.72 45.40
CA GLY A 647 24.17 9.32 46.43
C GLY A 647 22.76 8.92 46.04
N LEU A 648 22.63 7.81 45.32
CA LEU A 648 21.33 7.22 45.05
C LEU A 648 21.50 5.71 44.98
N GLY A 649 20.47 5.00 45.43
CA GLY A 649 20.52 3.56 45.55
C GLY A 649 19.68 2.83 44.51
N ILE A 650 19.54 1.52 44.73
CA ILE A 650 18.78 0.66 43.84
C ILE A 650 17.31 0.59 44.24
N GLY A 651 17.03 0.69 45.54
CA GLY A 651 15.69 0.84 46.07
C GLY A 651 14.83 1.90 45.41
N PRO A 652 15.31 3.15 45.34
CA PRO A 652 14.53 4.21 44.70
C PRO A 652 14.46 4.09 43.18
N ALA A 653 15.26 3.20 42.57
CA ALA A 653 15.29 3.13 41.11
C ALA A 653 13.93 2.71 40.55
N VAL A 654 13.31 1.69 41.14
CA VAL A 654 11.96 1.33 40.72
C VAL A 654 11.04 2.53 40.81
N LEU A 655 11.21 3.34 41.86
CA LEU A 655 10.28 4.44 42.05
C LEU A 655 10.54 5.51 41.01
N VAL A 656 11.79 5.71 40.61
CA VAL A 656 11.99 6.68 39.56
C VAL A 656 11.63 6.04 38.22
N HIS A 657 12.06 4.79 38.01
CA HIS A 657 11.86 4.16 36.71
C HIS A 657 10.38 3.93 36.42
N GLU A 658 9.63 3.38 37.38
CA GLU A 658 8.19 3.29 37.16
C GLU A 658 7.61 4.67 36.97
N GLY A 659 8.06 5.65 37.75
CA GLY A 659 7.59 7.00 37.59
C GLY A 659 7.98 7.58 36.25
N SER A 660 9.08 7.10 35.68
CA SER A 660 9.42 7.49 34.33
C SER A 660 8.71 6.65 33.27
N THR A 661 8.42 5.37 33.56
CA THR A 661 7.81 4.56 32.52
C THR A 661 6.31 4.81 32.40
N LEU A 662 5.60 4.68 33.53
CA LEU A 662 4.14 4.75 33.49
C LEU A 662 3.67 6.06 32.89
N VAL A 663 4.25 7.18 33.33
CA VAL A 663 3.83 8.48 32.83
C VAL A 663 3.98 8.56 31.31
N VAL A 664 5.08 8.03 30.75
CA VAL A 664 5.22 8.20 29.30
C VAL A 664 4.22 7.30 28.61
N VAL A 665 3.98 6.13 29.18
CA VAL A 665 2.95 5.25 28.64
C VAL A 665 1.60 5.96 28.69
N ALA A 666 1.33 6.64 29.81
CA ALA A 666 0.05 7.34 29.93
C ALA A 666 -0.08 8.39 28.84
N ASN A 667 1.00 9.11 28.53
CA ASN A 667 0.88 10.15 27.53
C ASN A 667 0.58 9.52 26.16
N ALA A 668 1.16 8.34 25.91
CA ALA A 668 0.91 7.67 24.64
C ALA A 668 -0.55 7.30 24.51
N LEU A 669 -1.22 7.02 25.63
CA LEU A 669 -2.62 6.62 25.52
C LEU A 669 -3.52 7.78 25.12
N ARG A 670 -3.04 9.03 25.22
CA ARG A 670 -3.82 10.15 24.70
C ARG A 670 -4.07 9.98 23.21
N LEU A 671 -3.21 9.24 22.51
CA LEU A 671 -3.40 8.97 21.09
C LEU A 671 -4.72 8.27 20.80
N LEU A 672 -5.33 7.59 21.78
CA LEU A 672 -6.62 6.97 21.52
C LEU A 672 -7.76 7.98 21.36
N ALA A 673 -7.55 9.25 21.68
CA ALA A 673 -8.56 10.28 21.46
C ALA A 673 -8.13 11.21 20.33
N PHE A 674 -8.97 11.32 19.30
CA PHE A 674 -8.70 12.18 18.15
C PHE A 674 -10.03 12.44 17.46
N LYS A 675 -10.08 13.48 16.62
CA LYS A 675 -11.34 13.93 16.06
C LYS A 675 -11.31 13.93 14.52
N ASP A 676 -12.49 13.69 13.93
CA ASP A 676 -12.62 13.58 12.49
C ASP A 676 -12.68 14.94 11.81
N ASN A 677 -13.37 15.90 12.43
CA ASN A 677 -13.59 17.25 11.88
C ASN A 677 -14.28 17.21 10.51
N ARG A 678 -15.36 16.44 10.41
CA ARG A 678 -16.06 16.34 9.13
C ARG A 678 -16.82 17.64 8.86
#